data_2MHY
#
_entry.id   2MHY
#
_entity_poly.entity_id   1
_entity_poly.type   'polypeptide(L)'
_entity_poly.pdbx_seq_one_letter_code
;LQCNTLDGGTEECIPGIYNVCVHYKSEDEEYKSCGIQEECEDAEGATVLCCPEDLCN
;
_entity_poly.pdbx_strand_id   A
#
# COMPACT_ATOMS: atom_id res chain seq x y z
N LEU A 1 11.80 4.28 -1.69
CA LEU A 1 10.36 4.36 -1.88
C LEU A 1 9.66 4.62 -0.55
N GLN A 2 8.51 5.29 -0.61
CA GLN A 2 7.75 5.60 0.59
C GLN A 2 6.27 5.26 0.40
N CYS A 3 5.60 4.90 1.50
CA CYS A 3 4.19 4.55 1.44
C CYS A 3 3.42 5.23 2.57
N ASN A 4 2.12 5.44 2.35
CA ASN A 4 1.28 6.08 3.34
C ASN A 4 0.83 5.10 4.41
N THR A 5 0.45 5.61 5.57
CA THR A 5 0.01 4.77 6.68
C THR A 5 -1.42 5.12 7.09
N LEU A 6 -2.10 4.16 7.71
CA LEU A 6 -3.48 4.36 8.16
C LEU A 6 -3.54 5.40 9.28
N ASP A 7 -2.42 5.58 9.97
CA ASP A 7 -2.34 6.56 11.05
C ASP A 7 -2.23 7.98 10.51
N GLY A 8 -2.11 8.10 9.18
CA GLY A 8 -1.99 9.40 8.57
C GLY A 8 -0.55 9.81 8.35
N GLY A 9 0.38 9.03 8.90
CA GLY A 9 1.79 9.34 8.76
C GLY A 9 2.40 8.66 7.55
N THR A 10 3.68 8.91 7.33
CA THR A 10 4.40 8.34 6.19
C THR A 10 5.41 7.28 6.65
N GLU A 11 5.57 6.24 5.83
CA GLU A 11 6.50 5.17 6.16
C GLU A 11 7.45 4.90 4.99
N GLU A 12 8.68 4.52 5.30
CA GLU A 12 9.68 4.23 4.29
C GLU A 12 9.61 2.76 3.85
N CYS A 13 9.37 2.56 2.56
CA CYS A 13 9.28 1.20 2.01
C CYS A 13 10.55 0.83 1.25
N ILE A 14 11.30 -0.12 1.79
CA ILE A 14 12.54 -0.57 1.16
C ILE A 14 12.26 -1.51 0.01
N PRO A 15 13.07 -1.42 -1.06
CA PRO A 15 12.93 -2.26 -2.24
C PRO A 15 13.30 -3.71 -1.98
N GLY A 16 14.02 -3.94 -0.88
CA GLY A 16 14.43 -5.29 -0.53
C GLY A 16 13.25 -6.17 -0.17
N ILE A 17 12.13 -5.55 0.18
CA ILE A 17 10.93 -6.29 0.55
C ILE A 17 9.68 -5.58 0.04
N TYR A 18 9.38 -4.42 0.62
CA TYR A 18 8.21 -3.64 0.23
C TYR A 18 8.40 -3.03 -1.15
N ASN A 19 7.74 -3.62 -2.14
CA ASN A 19 7.83 -3.12 -3.52
C ASN A 19 6.45 -2.70 -4.03
N VAL A 20 5.41 -3.06 -3.30
CA VAL A 20 4.05 -2.72 -3.68
C VAL A 20 3.40 -1.78 -2.66
N CYS A 21 2.21 -1.31 -2.97
CA CYS A 21 1.49 -0.41 -2.08
C CYS A 21 -0.01 -0.43 -2.38
N VAL A 22 -0.81 -0.38 -1.32
CA VAL A 22 -2.27 -0.40 -1.46
C VAL A 22 -2.92 0.66 -0.58
N HIS A 23 -3.93 1.33 -1.12
CA HIS A 23 -4.64 2.37 -0.38
C HIS A 23 -6.14 2.09 -0.36
N TYR A 24 -6.67 1.84 0.84
CA TYR A 24 -8.08 1.55 1.01
C TYR A 24 -8.83 2.77 1.54
N LYS A 25 -9.74 3.30 0.73
CA LYS A 25 -10.52 4.47 1.13
C LYS A 25 -12.02 4.20 0.97
N SER A 26 -12.73 4.20 2.08
CA SER A 26 -14.17 3.96 2.07
C SER A 26 -14.90 4.97 2.94
N GLU A 27 -16.21 5.11 2.70
CA GLU A 27 -17.02 6.05 3.46
C GLU A 27 -17.31 5.51 4.86
N ASP A 28 -17.05 4.22 5.06
CA ASP A 28 -17.29 3.59 6.35
C ASP A 28 -15.98 3.38 7.09
N GLU A 29 -14.88 3.30 6.35
CA GLU A 29 -13.56 3.10 6.93
C GLU A 29 -12.45 3.53 5.97
N GLU A 30 -11.24 3.68 6.48
CA GLU A 30 -10.11 4.08 5.66
C GLU A 30 -8.79 3.63 6.30
N TYR A 31 -8.00 2.88 5.54
CA TYR A 31 -6.72 2.39 6.01
C TYR A 31 -5.78 2.09 4.86
N LYS A 32 -4.49 1.97 5.16
CA LYS A 32 -3.48 1.68 4.15
C LYS A 32 -2.46 0.68 4.66
N SER A 33 -2.15 -0.32 3.84
CA SER A 33 -1.19 -1.35 4.21
C SER A 33 -0.79 -2.18 2.99
N CYS A 34 0.47 -2.60 2.96
CA CYS A 34 0.99 -3.39 1.86
C CYS A 34 2.46 -3.71 2.07
N GLY A 35 3.10 -4.25 1.02
CA GLY A 35 4.51 -4.59 1.11
C GLY A 35 4.97 -5.43 -0.06
N ILE A 36 4.68 -6.72 -0.02
CA ILE A 36 5.07 -7.63 -1.09
C ILE A 36 3.88 -8.04 -1.94
N GLN A 37 4.06 -8.04 -3.26
CA GLN A 37 2.99 -8.42 -4.17
C GLN A 37 2.34 -9.74 -3.76
N GLU A 38 3.15 -10.62 -3.16
CA GLU A 38 2.66 -11.92 -2.72
C GLU A 38 1.58 -11.77 -1.66
N GLU A 39 1.76 -10.79 -0.76
CA GLU A 39 0.80 -10.53 0.30
C GLU A 39 -0.32 -9.62 -0.19
N CYS A 40 0.04 -8.58 -0.93
CA CYS A 40 -0.93 -7.64 -1.45
C CYS A 40 -1.91 -8.32 -2.39
N GLU A 41 -1.40 -9.28 -3.17
CA GLU A 41 -2.23 -10.01 -4.12
C GLU A 41 -3.31 -10.82 -3.39
N ASP A 42 -3.06 -11.11 -2.12
CA ASP A 42 -3.99 -11.87 -1.30
C ASP A 42 -5.40 -11.25 -1.37
N ALA A 43 -5.45 -9.94 -1.56
CA ALA A 43 -6.72 -9.23 -1.65
C ALA A 43 -7.47 -9.61 -2.92
N GLU A 44 -8.25 -10.69 -2.84
CA GLU A 44 -9.03 -11.15 -3.99
C GLU A 44 -10.22 -10.24 -4.25
N GLY A 45 -10.56 -10.08 -5.53
CA GLY A 45 -11.69 -9.23 -5.89
C GLY A 45 -11.24 -7.88 -6.41
N ALA A 46 -10.16 -7.35 -5.84
CA ALA A 46 -9.63 -6.06 -6.25
C ALA A 46 -8.20 -6.20 -6.80
N THR A 47 -7.80 -5.24 -7.63
CA THR A 47 -6.47 -5.26 -8.22
C THR A 47 -5.52 -4.36 -7.45
N VAL A 48 -4.28 -4.80 -7.30
CA VAL A 48 -3.27 -4.02 -6.57
C VAL A 48 -2.29 -3.36 -7.54
N LEU A 49 -2.25 -2.04 -7.51
CA LEU A 49 -1.36 -1.28 -8.38
C LEU A 49 -0.52 -0.29 -7.57
N CYS A 50 0.77 -0.23 -7.89
CA CYS A 50 1.69 0.67 -7.20
C CYS A 50 2.41 1.58 -8.19
N CYS A 51 2.72 2.79 -7.74
CA CYS A 51 3.42 3.75 -8.59
C CYS A 51 4.91 3.78 -8.27
N PRO A 52 5.73 4.12 -9.28
CA PRO A 52 7.18 4.19 -9.14
C PRO A 52 7.62 5.37 -8.28
N GLU A 53 6.67 6.22 -7.93
CA GLU A 53 6.96 7.40 -7.10
C GLU A 53 6.79 7.07 -5.62
N ASP A 54 6.98 8.06 -4.77
CA ASP A 54 6.84 7.89 -3.33
C ASP A 54 5.49 8.36 -2.84
N LEU A 55 4.92 7.66 -1.88
CA LEU A 55 3.62 8.01 -1.33
C LEU A 55 2.55 7.98 -2.42
N CYS A 56 2.31 6.82 -2.99
CA CYS A 56 1.32 6.66 -4.04
C CYS A 56 0.02 6.06 -3.49
N ASN A 57 0.13 5.41 -2.33
CA ASN A 57 -1.02 4.80 -1.69
C ASN A 57 -1.44 5.58 -0.45
N LEU A 1 11.80 4.78 -1.81
CA LEU A 1 10.34 4.73 -1.96
C LEU A 1 9.66 4.89 -0.59
N GLN A 2 8.49 5.51 -0.60
CA GLN A 2 7.74 5.73 0.63
C GLN A 2 6.28 5.33 0.46
N CYS A 3 5.65 4.89 1.54
CA CYS A 3 4.26 4.48 1.51
C CYS A 3 3.48 5.07 2.68
N ASN A 4 2.20 5.35 2.46
CA ASN A 4 1.35 5.92 3.51
C ASN A 4 0.83 4.83 4.43
N THR A 5 0.42 5.22 5.63
CA THR A 5 -0.12 4.28 6.60
C THR A 5 -1.53 4.66 7.03
N LEU A 6 -2.22 3.74 7.67
CA LEU A 6 -3.58 3.98 8.14
C LEU A 6 -3.61 5.03 9.23
N ASP A 7 -2.48 5.20 9.91
CA ASP A 7 -2.38 6.18 10.99
C ASP A 7 -2.23 7.58 10.41
N GLY A 8 -2.12 7.68 9.09
CA GLY A 8 -1.97 8.97 8.45
C GLY A 8 -0.51 9.38 8.30
N GLY A 9 0.39 8.58 8.87
CA GLY A 9 1.80 8.88 8.78
C GLY A 9 2.44 8.30 7.54
N THR A 10 3.74 8.54 7.37
CA THR A 10 4.47 8.04 6.21
C THR A 10 5.53 7.02 6.62
N GLU A 11 5.73 6.03 5.77
CA GLU A 11 6.72 4.99 6.05
C GLU A 11 7.70 4.83 4.90
N GLU A 12 8.94 4.50 5.22
CA GLU A 12 9.97 4.32 4.20
C GLU A 12 9.98 2.89 3.68
N CYS A 13 9.56 2.70 2.43
CA CYS A 13 9.52 1.38 1.82
C CYS A 13 10.84 1.07 1.12
N ILE A 14 11.59 0.10 1.67
CA ILE A 14 12.86 -0.29 1.10
C ILE A 14 12.67 -1.27 -0.06
N PRO A 15 13.53 -1.16 -1.08
CA PRO A 15 13.48 -2.03 -2.26
C PRO A 15 13.90 -3.46 -1.94
N GLY A 16 12.94 -4.26 -1.49
CA GLY A 16 13.24 -5.65 -1.15
C GLY A 16 12.04 -6.35 -0.53
N ILE A 17 11.62 -5.89 0.64
CA ILE A 17 10.49 -6.48 1.33
C ILE A 17 9.18 -5.77 0.97
N TYR A 18 9.30 -4.52 0.55
CA TYR A 18 8.14 -3.72 0.18
C TYR A 18 8.32 -3.09 -1.20
N ASN A 19 7.65 -3.66 -2.20
CA ASN A 19 7.74 -3.16 -3.56
C ASN A 19 6.37 -2.74 -4.07
N VAL A 20 5.33 -3.10 -3.32
CA VAL A 20 3.96 -2.74 -3.71
C VAL A 20 3.33 -1.81 -2.68
N CYS A 21 2.14 -1.32 -2.99
CA CYS A 21 1.43 -0.42 -2.09
C CYS A 21 -0.08 -0.43 -2.37
N VAL A 22 -0.87 -0.38 -1.32
CA VAL A 22 -2.32 -0.39 -1.44
C VAL A 22 -2.96 0.67 -0.56
N HIS A 23 -3.98 1.35 -1.09
CA HIS A 23 -4.67 2.40 -0.34
C HIS A 23 -6.17 2.12 -0.30
N TYR A 24 -6.69 1.88 0.89
CA TYR A 24 -8.12 1.59 1.07
C TYR A 24 -8.85 2.81 1.61
N LYS A 25 -9.76 3.34 0.80
CA LYS A 25 -10.53 4.52 1.19
C LYS A 25 -12.03 4.26 1.05
N SER A 26 -12.74 4.27 2.17
CA SER A 26 -14.18 4.03 2.17
C SER A 26 -14.91 5.05 3.04
N GLU A 27 -16.20 5.20 2.82
CA GLU A 27 -17.02 6.14 3.58
C GLU A 27 -17.29 5.61 4.98
N ASP A 28 -17.03 4.32 5.19
CA ASP A 28 -17.25 3.70 6.49
C ASP A 28 -15.93 3.50 7.22
N GLU A 29 -14.84 3.40 6.45
CA GLU A 29 -13.52 3.21 7.03
C GLU A 29 -12.43 3.62 6.05
N GLU A 30 -11.21 3.76 6.55
CA GLU A 30 -10.08 4.15 5.72
C GLU A 30 -8.76 3.70 6.33
N TYR A 31 -7.99 2.94 5.56
CA TYR A 31 -6.70 2.43 6.04
C TYR A 31 -5.77 2.12 4.86
N LYS A 32 -4.48 1.99 5.15
CA LYS A 32 -3.49 1.69 4.13
C LYS A 32 -2.47 0.70 4.64
N SER A 33 -2.17 -0.31 3.82
CA SER A 33 -1.20 -1.34 4.20
C SER A 33 -0.83 -2.20 2.99
N CYS A 34 0.43 -2.61 2.94
CA CYS A 34 0.94 -3.43 1.84
C CYS A 34 2.41 -3.74 2.02
N GLY A 35 3.03 -4.29 0.98
CA GLY A 35 4.44 -4.63 1.03
C GLY A 35 4.89 -5.45 -0.15
N ILE A 36 4.57 -6.74 -0.12
CA ILE A 36 4.95 -7.65 -1.20
C ILE A 36 3.73 -8.03 -2.04
N GLN A 37 3.90 -8.02 -3.36
CA GLN A 37 2.82 -8.37 -4.27
C GLN A 37 2.19 -9.70 -3.89
N GLU A 38 3.01 -10.58 -3.29
CA GLU A 38 2.53 -11.89 -2.87
C GLU A 38 1.47 -11.76 -1.78
N GLU A 39 1.67 -10.81 -0.87
CA GLU A 39 0.74 -10.59 0.22
C GLU A 39 -0.40 -9.66 -0.21
N CYS A 40 -0.07 -8.68 -1.03
CA CYS A 40 -1.06 -7.73 -1.53
C CYS A 40 -2.03 -8.40 -2.49
N GLU A 41 -1.52 -9.35 -3.26
CA GLU A 41 -2.35 -10.07 -4.23
C GLU A 41 -3.39 -10.93 -3.52
N ASP A 42 -3.18 -11.15 -2.23
CA ASP A 42 -4.10 -11.97 -1.43
C ASP A 42 -5.53 -11.48 -1.59
N ALA A 43 -5.68 -10.18 -1.83
CA ALA A 43 -7.00 -9.58 -2.01
C ALA A 43 -7.79 -10.31 -3.08
N GLU A 44 -8.72 -11.16 -2.64
CA GLU A 44 -9.55 -11.92 -3.56
C GLU A 44 -10.45 -11.00 -4.39
N GLY A 45 -10.48 -11.24 -5.70
CA GLY A 45 -11.30 -10.41 -6.57
C GLY A 45 -10.92 -8.94 -6.51
N ALA A 46 -9.71 -8.66 -6.03
CA ALA A 46 -9.22 -7.30 -5.92
C ALA A 46 -7.96 -7.10 -6.76
N THR A 47 -7.66 -5.85 -7.07
CA THR A 47 -6.47 -5.53 -7.86
C THR A 47 -5.51 -4.64 -7.07
N VAL A 48 -4.22 -4.90 -7.23
CA VAL A 48 -3.19 -4.12 -6.53
C VAL A 48 -2.28 -3.40 -7.52
N LEU A 49 -2.27 -2.08 -7.45
CA LEU A 49 -1.44 -1.27 -8.33
C LEU A 49 -0.59 -0.28 -7.54
N CYS A 50 0.69 -0.20 -7.89
CA CYS A 50 1.61 0.72 -7.21
C CYS A 50 2.28 1.65 -8.20
N CYS A 51 2.59 2.86 -7.76
CA CYS A 51 3.24 3.86 -8.60
C CYS A 51 4.74 3.92 -8.32
N PRO A 52 5.52 4.28 -9.35
CA PRO A 52 6.97 4.37 -9.24
C PRO A 52 7.41 5.55 -8.37
N GLU A 53 6.45 6.39 -8.00
CA GLU A 53 6.73 7.56 -7.17
C GLU A 53 6.63 7.21 -5.69
N ASP A 54 6.83 8.20 -4.84
CA ASP A 54 6.76 8.01 -3.38
C ASP A 54 5.41 8.45 -2.85
N LEU A 55 4.87 7.70 -1.88
CA LEU A 55 3.58 8.02 -1.29
C LEU A 55 2.48 8.03 -2.34
N CYS A 56 2.24 6.88 -2.96
CA CYS A 56 1.21 6.76 -3.98
C CYS A 56 -0.06 6.14 -3.40
N ASN A 57 0.08 5.45 -2.27
CA ASN A 57 -1.05 4.81 -1.62
C ASN A 57 -1.44 5.56 -0.35
N LEU A 1 11.73 4.06 -1.56
CA LEU A 1 10.37 4.54 -1.75
C LEU A 1 9.69 4.82 -0.41
N GLN A 2 8.50 5.42 -0.46
CA GLN A 2 7.75 5.73 0.75
C GLN A 2 6.30 5.29 0.63
N CYS A 3 5.69 4.94 1.75
CA CYS A 3 4.30 4.51 1.76
C CYS A 3 3.54 5.12 2.94
N ASN A 4 2.27 5.44 2.72
CA ASN A 4 1.45 6.04 3.75
C ASN A 4 0.89 4.98 4.69
N THR A 5 0.42 5.41 5.85
CA THR A 5 -0.14 4.49 6.84
C THR A 5 -1.54 4.92 7.26
N LEU A 6 -2.28 4.00 7.86
CA LEU A 6 -3.65 4.28 8.31
C LEU A 6 -3.64 5.30 9.44
N ASP A 7 -2.51 5.41 10.12
CA ASP A 7 -2.37 6.36 11.22
C ASP A 7 -2.19 7.78 10.71
N GLY A 8 -2.09 7.92 9.39
CA GLY A 8 -1.92 9.22 8.79
C GLY A 8 -0.45 9.60 8.62
N GLY A 9 0.43 8.76 9.15
CA GLY A 9 1.86 9.02 9.04
C GLY A 9 2.47 8.41 7.80
N THR A 10 3.76 8.65 7.59
CA THR A 10 4.46 8.12 6.43
C THR A 10 5.55 7.15 6.85
N GLU A 11 5.77 6.12 6.04
CA GLU A 11 6.80 5.12 6.32
C GLU A 11 7.74 4.94 5.14
N GLU A 12 9.00 4.66 5.42
CA GLU A 12 10.00 4.47 4.37
C GLU A 12 10.03 3.01 3.91
N CYS A 13 9.59 2.78 2.69
CA CYS A 13 9.58 1.43 2.13
C CYS A 13 10.90 1.12 1.43
N ILE A 14 11.66 0.19 2.00
CA ILE A 14 12.94 -0.21 1.42
C ILE A 14 12.74 -1.04 0.17
N PRO A 15 13.65 -0.86 -0.81
CA PRO A 15 13.60 -1.59 -2.08
C PRO A 15 13.94 -3.07 -1.91
N GLY A 16 12.92 -3.87 -1.61
CA GLY A 16 13.14 -5.30 -1.43
C GLY A 16 12.00 -5.97 -0.69
N ILE A 17 11.84 -5.64 0.59
CA ILE A 17 10.78 -6.22 1.40
C ILE A 17 9.41 -5.71 0.95
N TYR A 18 9.35 -4.45 0.56
CA TYR A 18 8.10 -3.84 0.10
C TYR A 18 8.27 -3.23 -1.29
N ASN A 19 7.58 -3.81 -2.26
CA ASN A 19 7.65 -3.32 -3.64
C ASN A 19 6.27 -2.90 -4.13
N VAL A 20 5.24 -3.26 -3.37
CA VAL A 20 3.87 -2.92 -3.73
C VAL A 20 3.26 -1.98 -2.70
N CYS A 21 2.05 -1.49 -3.00
CA CYS A 21 1.35 -0.58 -2.10
C CYS A 21 -0.16 -0.61 -2.36
N VAL A 22 -0.94 -0.52 -1.30
CA VAL A 22 -2.39 -0.53 -1.41
C VAL A 22 -3.02 0.54 -0.53
N HIS A 23 -4.03 1.22 -1.07
CA HIS A 23 -4.73 2.27 -0.34
C HIS A 23 -6.23 1.99 -0.26
N TYR A 24 -6.71 1.76 0.96
CA TYR A 24 -8.12 1.47 1.17
C TYR A 24 -8.85 2.69 1.71
N LYS A 25 -9.79 3.22 0.92
CA LYS A 25 -10.56 4.39 1.32
C LYS A 25 -12.06 4.12 1.22
N SER A 26 -12.74 4.14 2.35
CA SER A 26 -14.17 3.90 2.38
C SER A 26 -14.89 4.92 3.25
N GLU A 27 -16.19 5.05 3.06
CA GLU A 27 -16.99 6.01 3.82
C GLU A 27 -17.23 5.50 5.24
N ASP A 28 -16.97 4.22 5.46
CA ASP A 28 -17.15 3.62 6.77
C ASP A 28 -15.81 3.43 7.47
N GLU A 29 -14.74 3.33 6.69
CA GLU A 29 -13.40 3.16 7.24
C GLU A 29 -12.33 3.55 6.23
N GLU A 30 -11.10 3.72 6.70
CA GLU A 30 -10.00 4.10 5.83
C GLU A 30 -8.66 3.67 6.44
N TYR A 31 -7.88 2.91 5.67
CA TYR A 31 -6.59 2.43 6.13
C TYR A 31 -5.68 2.10 4.95
N LYS A 32 -4.38 2.00 5.21
CA LYS A 32 -3.41 1.69 4.17
C LYS A 32 -2.38 0.68 4.68
N SER A 33 -2.11 -0.33 3.86
CA SER A 33 -1.15 -1.37 4.23
C SER A 33 -0.79 -2.23 3.01
N CYS A 34 0.46 -2.68 2.97
CA CYS A 34 0.93 -3.51 1.87
C CYS A 34 2.40 -3.87 2.05
N GLY A 35 3.01 -4.42 1.00
CA GLY A 35 4.40 -4.81 1.06
C GLY A 35 4.85 -5.61 -0.15
N ILE A 36 4.53 -6.90 -0.15
CA ILE A 36 4.89 -7.77 -1.25
C ILE A 36 3.68 -8.16 -2.07
N GLN A 37 3.83 -8.15 -3.39
CA GLN A 37 2.73 -8.50 -4.29
C GLN A 37 2.11 -9.83 -3.89
N GLU A 38 2.92 -10.73 -3.33
CA GLU A 38 2.44 -12.04 -2.90
C GLU A 38 1.40 -11.90 -1.80
N GLU A 39 1.62 -10.95 -0.90
CA GLU A 39 0.69 -10.72 0.20
C GLU A 39 -0.44 -9.80 -0.22
N CYS A 40 -0.10 -8.74 -0.95
CA CYS A 40 -1.09 -7.78 -1.42
C CYS A 40 -2.10 -8.45 -2.35
N GLU A 41 -1.62 -9.37 -3.17
CA GLU A 41 -2.48 -10.09 -4.11
C GLU A 41 -3.55 -10.87 -3.37
N ASP A 42 -3.31 -11.14 -2.09
CA ASP A 42 -4.27 -11.87 -1.27
C ASP A 42 -5.66 -11.25 -1.36
N ALA A 43 -5.70 -9.95 -1.58
CA ALA A 43 -6.97 -9.23 -1.69
C ALA A 43 -7.69 -9.59 -2.98
N GLU A 44 -8.41 -10.70 -2.95
CA GLU A 44 -9.15 -11.17 -4.12
C GLU A 44 -10.27 -10.19 -4.47
N GLY A 45 -10.58 -10.08 -5.76
CA GLY A 45 -11.63 -9.19 -6.20
C GLY A 45 -11.10 -7.86 -6.69
N ALA A 46 -10.41 -7.12 -5.81
CA ALA A 46 -9.85 -5.83 -6.16
C ALA A 46 -8.44 -5.99 -6.74
N THR A 47 -8.06 -5.05 -7.60
CA THR A 47 -6.74 -5.08 -8.23
C THR A 47 -5.75 -4.22 -7.47
N VAL A 48 -4.52 -4.70 -7.36
CA VAL A 48 -3.47 -3.97 -6.65
C VAL A 48 -2.51 -3.30 -7.63
N LEU A 49 -2.44 -1.97 -7.56
CA LEU A 49 -1.56 -1.22 -8.44
C LEU A 49 -0.68 -0.27 -7.64
N CYS A 50 0.61 -0.25 -7.97
CA CYS A 50 1.56 0.62 -7.27
C CYS A 50 2.30 1.51 -8.27
N CYS A 51 2.67 2.71 -7.82
CA CYS A 51 3.38 3.66 -8.66
C CYS A 51 4.87 3.64 -8.36
N PRO A 52 5.69 3.98 -9.38
CA PRO A 52 7.14 4.02 -9.25
C PRO A 52 7.61 5.15 -8.36
N GLU A 53 6.69 6.04 -7.98
CA GLU A 53 7.02 7.17 -7.13
C GLU A 53 6.77 6.84 -5.66
N ASP A 54 7.01 7.82 -4.80
CA ASP A 54 6.81 7.63 -3.36
C ASP A 54 5.43 8.11 -2.94
N LEU A 55 4.85 7.46 -1.93
CA LEU A 55 3.54 7.82 -1.43
C LEU A 55 2.50 7.76 -2.55
N CYS A 56 2.27 6.55 -3.06
CA CYS A 56 1.30 6.36 -4.14
C CYS A 56 -0.01 5.81 -3.58
N ASN A 57 0.05 5.23 -2.39
CA ASN A 57 -1.14 4.67 -1.75
C ASN A 57 -1.61 5.55 -0.60
N LEU A 1 11.74 4.54 -1.61
CA LEU A 1 10.29 4.50 -1.76
C LEU A 1 9.59 4.81 -0.45
N GLN A 2 8.41 5.42 -0.54
CA GLN A 2 7.63 5.77 0.65
C GLN A 2 6.18 5.34 0.49
N CYS A 3 5.54 5.01 1.61
CA CYS A 3 4.15 4.57 1.59
C CYS A 3 3.36 5.27 2.70
N ASN A 4 2.07 5.45 2.47
CA ASN A 4 1.20 6.11 3.44
C ASN A 4 0.75 5.12 4.52
N THR A 5 0.29 5.66 5.64
CA THR A 5 -0.16 4.83 6.76
C THR A 5 -1.59 5.18 7.16
N LEU A 6 -2.29 4.22 7.74
CA LEU A 6 -3.67 4.43 8.17
C LEU A 6 -3.73 5.48 9.28
N ASP A 7 -2.60 5.71 9.93
CA ASP A 7 -2.53 6.70 11.01
C ASP A 7 -2.48 8.11 10.44
N GLY A 8 -2.42 8.21 9.12
CA GLY A 8 -2.35 9.52 8.48
C GLY A 8 -0.93 9.99 8.25
N GLY A 9 0.03 9.26 8.79
CA GLY A 9 1.43 9.62 8.62
C GLY A 9 2.07 8.91 7.45
N THR A 10 3.35 9.22 7.21
CA THR A 10 4.08 8.61 6.11
C THR A 10 5.14 7.64 6.63
N GLU A 11 5.36 6.56 5.88
CA GLU A 11 6.35 5.56 6.26
C GLU A 11 7.33 5.30 5.12
N GLU A 12 8.58 5.00 5.47
CA GLU A 12 9.60 4.72 4.48
C GLU A 12 9.63 3.25 4.10
N CYS A 13 9.35 2.96 2.83
CA CYS A 13 9.34 1.59 2.34
C CYS A 13 10.71 1.17 1.85
N ILE A 14 11.23 0.09 2.42
CA ILE A 14 12.55 -0.42 2.04
C ILE A 14 12.52 -0.99 0.62
N PRO A 15 13.52 -0.61 -0.19
CA PRO A 15 13.64 -1.06 -1.58
C PRO A 15 14.01 -2.54 -1.67
N GLY A 16 13.01 -3.40 -1.48
CA GLY A 16 13.25 -4.83 -1.54
C GLY A 16 12.15 -5.64 -0.85
N ILE A 17 11.92 -5.35 0.43
CA ILE A 17 10.90 -6.04 1.19
C ILE A 17 9.50 -5.62 0.76
N TYR A 18 9.38 -4.38 0.30
CA TYR A 18 8.09 -3.84 -0.14
C TYR A 18 8.22 -3.22 -1.53
N ASN A 19 7.52 -3.80 -2.50
CA ASN A 19 7.56 -3.30 -3.87
C ASN A 19 6.16 -2.89 -4.33
N VAL A 20 5.15 -3.26 -3.54
CA VAL A 20 3.77 -2.93 -3.86
C VAL A 20 3.17 -1.99 -2.83
N CYS A 21 1.95 -1.52 -3.09
CA CYS A 21 1.27 -0.61 -2.18
C CYS A 21 -0.24 -0.63 -2.42
N VAL A 22 -1.01 -0.57 -1.33
CA VAL A 22 -2.46 -0.59 -1.42
C VAL A 22 -3.08 0.54 -0.60
N HIS A 23 -4.10 1.18 -1.15
CA HIS A 23 -4.78 2.26 -0.46
C HIS A 23 -6.27 1.97 -0.32
N TYR A 24 -6.71 1.75 0.91
CA TYR A 24 -8.11 1.45 1.18
C TYR A 24 -8.82 2.68 1.75
N LYS A 25 -9.79 3.19 1.01
CA LYS A 25 -10.55 4.37 1.43
C LYS A 25 -12.05 4.09 1.36
N SER A 26 -12.70 4.11 2.52
CA SER A 26 -14.14 3.86 2.59
C SER A 26 -14.82 4.89 3.48
N GLU A 27 -16.13 5.01 3.33
CA GLU A 27 -16.90 5.96 4.12
C GLU A 27 -17.10 5.47 5.55
N ASP A 28 -16.83 4.19 5.76
CA ASP A 28 -16.97 3.57 7.07
C ASP A 28 -15.60 3.40 7.75
N GLU A 29 -14.57 3.30 6.92
CA GLU A 29 -13.21 3.12 7.44
C GLU A 29 -12.17 3.52 6.39
N GLU A 30 -10.92 3.69 6.82
CA GLU A 30 -9.85 4.07 5.92
C GLU A 30 -8.49 3.65 6.50
N TYR A 31 -7.75 2.88 5.72
CA TYR A 31 -6.43 2.41 6.14
C TYR A 31 -5.56 2.07 4.94
N LYS A 32 -4.25 1.97 5.17
CA LYS A 32 -3.30 1.66 4.11
C LYS A 32 -2.25 0.66 4.60
N SER A 33 -1.99 -0.37 3.80
CA SER A 33 -1.01 -1.39 4.15
C SER A 33 -0.69 -2.26 2.94
N CYS A 34 0.57 -2.70 2.87
CA CYS A 34 1.01 -3.55 1.77
C CYS A 34 2.49 -3.90 1.92
N GLY A 35 3.07 -4.47 0.87
CA GLY A 35 4.47 -4.84 0.90
C GLY A 35 4.88 -5.66 -0.31
N ILE A 36 4.59 -6.95 -0.27
CA ILE A 36 4.93 -7.85 -1.38
C ILE A 36 3.70 -8.22 -2.19
N GLN A 37 3.82 -8.18 -3.50
CA GLN A 37 2.71 -8.52 -4.39
C GLN A 37 2.11 -9.87 -4.01
N GLU A 38 2.94 -10.76 -3.49
CA GLU A 38 2.48 -12.09 -3.09
C GLU A 38 1.44 -11.99 -1.98
N GLU A 39 1.66 -11.05 -1.05
CA GLU A 39 0.74 -10.86 0.07
C GLU A 39 -0.41 -9.93 -0.33
N CYS A 40 -0.07 -8.85 -1.04
CA CYS A 40 -1.07 -7.90 -1.48
C CYS A 40 -2.08 -8.54 -2.42
N GLU A 41 -1.60 -9.46 -3.25
CA GLU A 41 -2.46 -10.16 -4.20
C GLU A 41 -3.58 -10.91 -3.47
N ASP A 42 -3.37 -11.19 -2.20
CA ASP A 42 -4.35 -11.89 -1.39
C ASP A 42 -5.72 -11.23 -1.50
N ALA A 43 -5.71 -9.91 -1.70
CA ALA A 43 -6.95 -9.16 -1.83
C ALA A 43 -7.67 -9.50 -3.13
N GLU A 44 -8.47 -10.57 -3.09
CA GLU A 44 -9.22 -11.00 -4.27
C GLU A 44 -10.39 -10.06 -4.55
N GLY A 45 -10.72 -9.90 -5.83
CA GLY A 45 -11.80 -9.02 -6.21
C GLY A 45 -11.33 -7.70 -6.76
N ALA A 46 -10.26 -7.16 -6.17
CA ALA A 46 -9.70 -5.89 -6.60
C ALA A 46 -8.26 -6.05 -7.05
N THR A 47 -7.87 -5.28 -8.07
CA THR A 47 -6.51 -5.34 -8.60
C THR A 47 -5.57 -4.44 -7.80
N VAL A 48 -4.35 -4.92 -7.58
CA VAL A 48 -3.34 -4.15 -6.84
C VAL A 48 -2.33 -3.52 -7.79
N LEU A 49 -2.26 -2.19 -7.77
CA LEU A 49 -1.33 -1.47 -8.63
C LEU A 49 -0.50 -0.48 -7.81
N CYS A 50 0.80 -0.46 -8.05
CA CYS A 50 1.70 0.44 -7.34
C CYS A 50 2.50 1.29 -8.33
N CYS A 51 2.83 2.51 -7.90
CA CYS A 51 3.60 3.42 -8.75
C CYS A 51 5.07 3.44 -8.33
N PRO A 52 5.94 3.72 -9.30
CA PRO A 52 7.39 3.77 -9.07
C PRO A 52 7.80 4.97 -8.21
N GLU A 53 6.85 5.86 -7.95
CA GLU A 53 7.11 7.04 -7.14
C GLU A 53 6.81 6.76 -5.68
N ASP A 54 6.98 7.79 -4.84
CA ASP A 54 6.73 7.66 -3.41
C ASP A 54 5.32 8.11 -3.06
N LEU A 55 4.74 7.49 -2.04
CA LEU A 55 3.38 7.82 -1.61
C LEU A 55 2.40 7.72 -2.77
N CYS A 56 2.23 6.51 -3.29
CA CYS A 56 1.31 6.28 -4.40
C CYS A 56 -0.01 5.71 -3.91
N ASN A 57 0.00 5.15 -2.70
CA ASN A 57 -1.20 4.57 -2.12
C ASN A 57 -1.78 5.48 -1.05
N LEU A 1 11.81 4.00 -1.25
CA LEU A 1 10.50 4.55 -1.53
C LEU A 1 9.72 4.82 -0.24
N GLN A 2 8.53 5.40 -0.38
CA GLN A 2 7.69 5.70 0.77
C GLN A 2 6.26 5.25 0.54
N CYS A 3 5.56 4.94 1.63
CA CYS A 3 4.18 4.49 1.55
C CYS A 3 3.33 5.16 2.62
N ASN A 4 2.05 5.36 2.32
CA ASN A 4 1.12 5.99 3.26
C ASN A 4 0.69 5.00 4.34
N THR A 5 0.31 5.53 5.50
CA THR A 5 -0.12 4.70 6.61
C THR A 5 -1.56 5.02 7.01
N LEU A 6 -2.21 4.07 7.68
CA LEU A 6 -3.59 4.25 8.11
C LEU A 6 -3.69 5.34 9.18
N ASP A 7 -2.57 5.61 9.85
CA ASP A 7 -2.54 6.63 10.89
C ASP A 7 -2.49 8.03 10.27
N GLY A 8 -2.38 8.08 8.95
CA GLY A 8 -2.32 9.35 8.27
C GLY A 8 -0.90 9.83 8.04
N GLY A 9 0.05 9.13 8.63
CA GLY A 9 1.45 9.50 8.47
C GLY A 9 2.11 8.79 7.31
N THR A 10 3.39 9.09 7.10
CA THR A 10 4.14 8.48 6.01
C THR A 10 5.19 7.51 6.54
N GLU A 11 5.42 6.42 5.81
CA GLU A 11 6.39 5.42 6.21
C GLU A 11 7.40 5.16 5.10
N GLU A 12 8.64 4.86 5.49
CA GLU A 12 9.70 4.59 4.52
C GLU A 12 9.73 3.12 4.13
N CYS A 13 9.42 2.83 2.87
CA CYS A 13 9.41 1.46 2.38
C CYS A 13 10.79 1.06 1.86
N ILE A 14 11.35 0.01 2.44
CA ILE A 14 12.66 -0.48 2.02
C ILE A 14 12.61 -1.08 0.62
N PRO A 15 13.58 -0.70 -0.23
CA PRO A 15 13.66 -1.19 -1.60
C PRO A 15 14.06 -2.66 -1.67
N GLY A 16 13.09 -3.54 -1.41
CA GLY A 16 13.37 -4.96 -1.45
C GLY A 16 12.29 -5.78 -0.76
N ILE A 17 11.97 -5.41 0.47
CA ILE A 17 10.94 -6.11 1.24
C ILE A 17 9.55 -5.70 0.79
N TYR A 18 9.42 -4.46 0.33
CA TYR A 18 8.13 -3.95 -0.13
C TYR A 18 8.26 -3.33 -1.52
N ASN A 19 7.56 -3.92 -2.48
CA ASN A 19 7.59 -3.42 -3.86
C ASN A 19 6.20 -3.00 -4.32
N VAL A 20 5.19 -3.35 -3.53
CA VAL A 20 3.81 -3.01 -3.85
C VAL A 20 3.22 -2.06 -2.82
N CYS A 21 2.01 -1.59 -3.08
CA CYS A 21 1.34 -0.67 -2.16
C CYS A 21 -0.17 -0.67 -2.43
N VAL A 22 -0.95 -0.61 -1.35
CA VAL A 22 -2.41 -0.59 -1.46
C VAL A 22 -3.01 0.50 -0.58
N HIS A 23 -4.01 1.19 -1.11
CA HIS A 23 -4.68 2.27 -0.38
C HIS A 23 -6.18 2.02 -0.31
N TYR A 24 -6.68 1.74 0.88
CA TYR A 24 -8.11 1.49 1.07
C TYR A 24 -8.80 2.71 1.67
N LYS A 25 -9.72 3.30 0.92
CA LYS A 25 -10.46 4.47 1.37
C LYS A 25 -11.96 4.26 1.22
N SER A 26 -12.65 4.25 2.36
CA SER A 26 -14.10 4.05 2.36
C SER A 26 -14.78 5.06 3.27
N GLU A 27 -16.09 5.24 3.07
CA GLU A 27 -16.85 6.19 3.87
C GLU A 27 -17.13 5.62 5.26
N ASP A 28 -16.92 4.31 5.42
CA ASP A 28 -17.14 3.65 6.69
C ASP A 28 -15.82 3.39 7.41
N GLU A 29 -14.74 3.29 6.63
CA GLU A 29 -13.41 3.04 7.19
C GLU A 29 -12.33 3.45 6.21
N GLU A 30 -11.10 3.55 6.70
CA GLU A 30 -9.96 3.95 5.87
C GLU A 30 -8.65 3.45 6.47
N TYR A 31 -7.90 2.70 5.68
CA TYR A 31 -6.62 2.16 6.12
C TYR A 31 -5.71 1.86 4.94
N LYS A 32 -4.42 1.70 5.22
CA LYS A 32 -3.44 1.41 4.17
C LYS A 32 -2.42 0.37 4.66
N SER A 33 -2.15 -0.62 3.82
CA SER A 33 -1.20 -1.67 4.16
C SER A 33 -0.82 -2.48 2.92
N CYS A 34 0.43 -2.91 2.87
CA CYS A 34 0.91 -3.70 1.75
C CYS A 34 2.39 -4.06 1.92
N GLY A 35 3.00 -4.56 0.85
CA GLY A 35 4.40 -4.93 0.91
C GLY A 35 4.85 -5.73 -0.30
N ILE A 36 4.53 -7.01 -0.31
CA ILE A 36 4.89 -7.89 -1.42
C ILE A 36 3.66 -8.28 -2.24
N GLN A 37 3.82 -8.25 -3.56
CA GLN A 37 2.72 -8.61 -4.46
C GLN A 37 2.10 -9.95 -4.06
N GLU A 38 2.93 -10.83 -3.50
CA GLU A 38 2.47 -12.15 -3.08
C GLU A 38 1.41 -12.03 -1.98
N GLU A 39 1.63 -11.08 -1.07
CA GLU A 39 0.71 -10.86 0.04
C GLU A 39 -0.43 -9.94 -0.37
N CYS A 40 -0.09 -8.88 -1.10
CA CYS A 40 -1.10 -7.92 -1.56
C CYS A 40 -2.10 -8.59 -2.50
N GLU A 41 -1.62 -9.51 -3.32
CA GLU A 41 -2.48 -10.22 -4.26
C GLU A 41 -3.59 -10.96 -3.52
N ASP A 42 -3.34 -11.27 -2.26
CA ASP A 42 -4.32 -11.98 -1.43
C ASP A 42 -5.68 -11.30 -1.50
N ALA A 43 -5.68 -9.99 -1.69
CA ALA A 43 -6.90 -9.21 -1.78
C ALA A 43 -7.68 -9.55 -3.04
N GLU A 44 -8.51 -10.59 -2.97
CA GLU A 44 -9.30 -11.01 -4.12
C GLU A 44 -10.46 -10.04 -4.37
N GLY A 45 -10.83 -9.89 -5.63
CA GLY A 45 -11.92 -8.99 -5.97
C GLY A 45 -11.42 -7.67 -6.52
N ALA A 46 -10.36 -7.16 -5.94
CA ALA A 46 -9.79 -5.88 -6.37
C ALA A 46 -8.35 -6.06 -6.86
N THR A 47 -7.96 -5.22 -7.82
CA THR A 47 -6.61 -5.29 -8.38
C THR A 47 -5.65 -4.41 -7.60
N VAL A 48 -4.42 -4.88 -7.42
CA VAL A 48 -3.40 -4.14 -6.69
C VAL A 48 -2.40 -3.51 -7.64
N LEU A 49 -2.32 -2.18 -7.63
CA LEU A 49 -1.40 -1.45 -8.50
C LEU A 49 -0.55 -0.49 -7.69
N CYS A 50 0.75 -0.46 -7.99
CA CYS A 50 1.68 0.43 -7.30
C CYS A 50 2.43 1.31 -8.28
N CYS A 51 2.78 2.52 -7.84
CA CYS A 51 3.50 3.46 -8.68
C CYS A 51 4.99 3.45 -8.35
N PRO A 52 5.84 3.76 -9.36
CA PRO A 52 7.29 3.79 -9.19
C PRO A 52 7.74 4.96 -8.34
N GLU A 53 6.81 5.87 -8.02
CA GLU A 53 7.12 7.03 -7.21
C GLU A 53 6.87 6.73 -5.72
N ASP A 54 7.09 7.74 -4.89
CA ASP A 54 6.88 7.60 -3.45
C ASP A 54 5.50 8.08 -3.04
N LEU A 55 4.93 7.44 -2.02
CA LEU A 55 3.60 7.80 -1.53
C LEU A 55 2.56 7.70 -2.65
N CYS A 56 2.36 6.49 -3.15
CA CYS A 56 1.40 6.26 -4.22
C CYS A 56 0.09 5.70 -3.67
N ASN A 57 0.15 5.15 -2.46
CA ASN A 57 -1.02 4.59 -1.81
C ASN A 57 -1.43 5.41 -0.59
N LEU A 1 11.87 4.17 -1.24
CA LEU A 1 10.52 4.67 -1.51
C LEU A 1 9.77 4.92 -0.20
N GLN A 2 8.58 5.49 -0.32
CA GLN A 2 7.76 5.79 0.85
C GLN A 2 6.32 5.32 0.63
N CYS A 3 5.63 5.01 1.73
CA CYS A 3 4.25 4.54 1.66
C CYS A 3 3.41 5.20 2.76
N ASN A 4 2.14 5.44 2.46
CA ASN A 4 1.23 6.07 3.42
C ASN A 4 0.78 5.05 4.46
N THR A 5 0.29 5.55 5.59
CA THR A 5 -0.18 4.69 6.67
C THR A 5 -1.63 5.00 7.03
N LEU A 6 -2.28 4.08 7.72
CA LEU A 6 -3.67 4.25 8.14
C LEU A 6 -3.78 5.37 9.15
N ASP A 7 -2.71 5.63 9.88
CA ASP A 7 -2.69 6.68 10.89
C ASP A 7 -2.56 8.06 10.24
N GLY A 8 -2.37 8.07 8.92
CA GLY A 8 -2.22 9.32 8.21
C GLY A 8 -0.78 9.73 8.04
N GLY A 9 0.12 9.01 8.70
CA GLY A 9 1.53 9.32 8.62
C GLY A 9 2.21 8.65 7.42
N THR A 10 3.49 8.91 7.25
CA THR A 10 4.25 8.33 6.15
C THR A 10 5.31 7.36 6.66
N GLU A 11 5.55 6.30 5.89
CA GLU A 11 6.55 5.30 6.26
C GLU A 11 7.56 5.11 5.14
N GLU A 12 8.81 4.82 5.53
CA GLU A 12 9.87 4.60 4.55
C GLU A 12 9.93 3.15 4.12
N CYS A 13 9.54 2.88 2.88
CA CYS A 13 9.56 1.53 2.35
C CYS A 13 10.88 1.22 1.65
N ILE A 14 11.67 0.33 2.25
CA ILE A 14 12.95 -0.05 1.70
C ILE A 14 12.79 -0.92 0.45
N PRO A 15 13.68 -0.74 -0.52
CA PRO A 15 13.65 -1.51 -1.78
C PRO A 15 14.03 -2.98 -1.56
N GLY A 16 13.03 -3.86 -1.64
CA GLY A 16 13.28 -5.27 -1.45
C GLY A 16 12.16 -5.96 -0.71
N ILE A 17 11.97 -5.58 0.55
CA ILE A 17 10.93 -6.18 1.38
C ILE A 17 9.54 -5.72 0.93
N TYR A 18 9.46 -4.47 0.49
CA TYR A 18 8.19 -3.91 0.03
C TYR A 18 8.34 -3.30 -1.37
N ASN A 19 7.64 -3.89 -2.33
CA ASN A 19 7.69 -3.41 -3.71
C ASN A 19 6.31 -2.98 -4.19
N VAL A 20 5.28 -3.34 -3.42
CA VAL A 20 3.91 -3.01 -3.77
C VAL A 20 3.31 -2.07 -2.73
N CYS A 21 2.10 -1.58 -3.01
CA CYS A 21 1.41 -0.68 -2.10
C CYS A 21 -0.09 -0.69 -2.36
N VAL A 22 -0.88 -0.61 -1.29
CA VAL A 22 -2.33 -0.60 -1.42
C VAL A 22 -2.95 0.48 -0.53
N HIS A 23 -3.96 1.17 -1.06
CA HIS A 23 -4.64 2.22 -0.31
C HIS A 23 -6.14 1.97 -0.25
N TYR A 24 -6.64 1.71 0.94
CA TYR A 24 -8.07 1.44 1.14
C TYR A 24 -8.78 2.66 1.71
N LYS A 25 -9.69 3.22 0.95
CA LYS A 25 -10.45 4.39 1.37
C LYS A 25 -11.95 4.16 1.23
N SER A 26 -12.65 4.15 2.36
CA SER A 26 -14.09 3.93 2.36
C SER A 26 -14.80 4.94 3.26
N GLU A 27 -16.10 5.11 3.05
CA GLU A 27 -16.89 6.04 3.85
C GLU A 27 -17.15 5.48 5.24
N ASP A 28 -16.93 4.18 5.40
CA ASP A 28 -17.15 3.53 6.68
C ASP A 28 -15.83 3.28 7.40
N GLU A 29 -14.75 3.20 6.63
CA GLU A 29 -13.42 2.96 7.20
C GLU A 29 -12.33 3.39 6.21
N GLU A 30 -11.10 3.50 6.72
CA GLU A 30 -9.98 3.90 5.89
C GLU A 30 -8.66 3.42 6.49
N TYR A 31 -7.89 2.67 5.70
CA TYR A 31 -6.62 2.14 6.16
C TYR A 31 -5.69 1.85 4.98
N LYS A 32 -4.40 1.70 5.27
CA LYS A 32 -3.41 1.41 4.23
C LYS A 32 -2.40 0.39 4.72
N SER A 33 -2.13 -0.60 3.88
CA SER A 33 -1.18 -1.66 4.22
C SER A 33 -0.80 -2.47 2.99
N CYS A 34 0.45 -2.92 2.94
CA CYS A 34 0.94 -3.71 1.82
C CYS A 34 2.41 -4.07 2.01
N GLY A 35 3.03 -4.58 0.94
CA GLY A 35 4.42 -4.96 1.01
C GLY A 35 4.88 -5.72 -0.22
N ILE A 36 4.50 -6.99 -0.31
CA ILE A 36 4.88 -7.82 -1.44
C ILE A 36 3.66 -8.18 -2.29
N GLN A 37 3.88 -8.27 -3.60
CA GLN A 37 2.79 -8.60 -4.53
C GLN A 37 2.14 -9.93 -4.15
N GLU A 38 2.87 -10.75 -3.40
CA GLU A 38 2.36 -12.05 -2.97
C GLU A 38 1.35 -11.90 -1.84
N GLU A 39 1.63 -10.96 -0.93
CA GLU A 39 0.74 -10.72 0.20
C GLU A 39 -0.38 -9.75 -0.18
N CYS A 40 -0.08 -8.85 -1.12
CA CYS A 40 -1.06 -7.87 -1.57
C CYS A 40 -2.09 -8.52 -2.49
N GLU A 41 -1.62 -9.42 -3.35
CA GLU A 41 -2.49 -10.11 -4.29
C GLU A 41 -3.57 -10.90 -3.56
N ASP A 42 -3.32 -11.18 -2.29
CA ASP A 42 -4.27 -11.93 -1.47
C ASP A 42 -5.65 -11.30 -1.53
N ALA A 43 -5.70 -9.98 -1.73
CA ALA A 43 -6.96 -9.26 -1.82
C ALA A 43 -7.73 -9.65 -3.06
N GLU A 44 -8.54 -10.70 -2.94
CA GLU A 44 -9.34 -11.17 -4.08
C GLU A 44 -10.46 -10.19 -4.41
N GLY A 45 -10.77 -10.07 -5.69
CA GLY A 45 -11.82 -9.16 -6.13
C GLY A 45 -11.29 -7.80 -6.50
N ALA A 46 -10.37 -7.28 -5.70
CA ALA A 46 -9.78 -5.97 -5.96
C ALA A 46 -8.39 -6.12 -6.58
N THR A 47 -8.01 -5.13 -7.40
CA THR A 47 -6.71 -5.15 -8.05
C THR A 47 -5.70 -4.30 -7.30
N VAL A 48 -4.46 -4.76 -7.22
CA VAL A 48 -3.41 -4.03 -6.54
C VAL A 48 -2.48 -3.34 -7.53
N LEU A 49 -2.41 -2.02 -7.46
CA LEU A 49 -1.55 -1.24 -8.35
C LEU A 49 -0.65 -0.30 -7.55
N CYS A 50 0.62 -0.26 -7.92
CA CYS A 50 1.59 0.59 -7.25
C CYS A 50 2.29 1.51 -8.24
N CYS A 51 2.66 2.70 -7.78
CA CYS A 51 3.33 3.68 -8.63
C CYS A 51 4.83 3.67 -8.38
N PRO A 52 5.61 4.01 -9.42
CA PRO A 52 7.08 4.06 -9.33
C PRO A 52 7.57 5.20 -8.46
N GLU A 53 6.65 6.08 -8.05
CA GLU A 53 7.00 7.21 -7.20
C GLU A 53 6.80 6.86 -5.73
N ASP A 54 7.05 7.85 -4.86
CA ASP A 54 6.90 7.66 -3.42
C ASP A 54 5.52 8.13 -2.96
N LEU A 55 4.99 7.47 -1.94
CA LEU A 55 3.68 7.83 -1.40
C LEU A 55 2.60 7.74 -2.47
N CYS A 56 2.38 6.54 -2.98
CA CYS A 56 1.38 6.31 -4.02
C CYS A 56 0.09 5.74 -3.42
N ASN A 57 0.21 5.17 -2.22
CA ASN A 57 -0.95 4.60 -1.54
C ASN A 57 -1.28 5.37 -0.27
N LEU A 1 11.85 4.63 -1.62
CA LEU A 1 10.40 4.64 -1.81
C LEU A 1 9.68 4.94 -0.50
N GLN A 2 8.51 5.57 -0.60
CA GLN A 2 7.72 5.91 0.57
C GLN A 2 6.26 5.51 0.39
N CYS A 3 5.60 5.20 1.50
CA CYS A 3 4.20 4.79 1.46
C CYS A 3 3.41 5.46 2.57
N ASN A 4 2.10 5.65 2.34
CA ASN A 4 1.24 6.28 3.32
C ASN A 4 0.86 5.31 4.43
N THR A 5 0.41 5.85 5.56
CA THR A 5 0.02 5.03 6.70
C THR A 5 -1.42 5.31 7.11
N LEU A 6 -2.05 4.34 7.77
CA LEU A 6 -3.43 4.50 8.22
C LEU A 6 -3.53 5.57 9.31
N ASP A 7 -2.41 5.84 9.97
CA ASP A 7 -2.38 6.84 11.03
C ASP A 7 -2.36 8.25 10.43
N GLY A 8 -2.26 8.33 9.11
CA GLY A 8 -2.23 9.62 8.44
C GLY A 8 -0.81 10.10 8.18
N GLY A 9 0.17 9.39 8.74
CA GLY A 9 1.55 9.77 8.56
C GLY A 9 2.20 9.06 7.38
N THR A 10 3.47 9.38 7.12
CA THR A 10 4.19 8.76 6.02
C THR A 10 5.25 7.79 6.52
N GLU A 11 5.46 6.71 5.77
CA GLU A 11 6.45 5.71 6.14
C GLU A 11 7.42 5.45 5.00
N GLU A 12 8.67 5.14 5.35
CA GLU A 12 9.70 4.87 4.35
C GLU A 12 9.71 3.39 3.97
N CYS A 13 9.35 3.11 2.72
CA CYS A 13 9.33 1.74 2.23
C CYS A 13 10.65 1.37 1.57
N ILE A 14 11.39 0.46 2.20
CA ILE A 14 12.67 0.01 1.68
C ILE A 14 12.48 -0.91 0.48
N PRO A 15 13.40 -0.80 -0.50
CA PRO A 15 13.36 -1.62 -1.71
C PRO A 15 13.69 -3.08 -1.44
N GLY A 16 12.67 -3.93 -1.50
CA GLY A 16 12.87 -5.35 -1.26
C GLY A 16 11.60 -6.04 -0.79
N ILE A 17 11.48 -6.26 0.51
CA ILE A 17 10.31 -6.91 1.07
C ILE A 17 9.04 -6.11 0.78
N TYR A 18 9.22 -4.84 0.45
CA TYR A 18 8.08 -3.97 0.15
C TYR A 18 8.26 -3.30 -1.20
N ASN A 19 7.59 -3.83 -2.22
CA ASN A 19 7.68 -3.28 -3.57
C ASN A 19 6.30 -2.83 -4.06
N VAL A 20 5.27 -3.21 -3.32
CA VAL A 20 3.89 -2.86 -3.68
C VAL A 20 3.27 -1.94 -2.63
N CYS A 21 2.12 -1.37 -2.96
CA CYS A 21 1.42 -0.48 -2.05
C CYS A 21 -0.08 -0.50 -2.32
N VAL A 22 -0.86 -0.40 -1.25
CA VAL A 22 -2.33 -0.41 -1.37
C VAL A 22 -2.95 0.69 -0.50
N HIS A 23 -3.96 1.36 -1.04
CA HIS A 23 -4.65 2.42 -0.33
C HIS A 23 -6.13 2.13 -0.22
N TYR A 24 -6.60 1.87 1.00
CA TYR A 24 -8.01 1.57 1.24
C TYR A 24 -8.73 2.78 1.82
N LYS A 25 -9.68 3.32 1.08
CA LYS A 25 -10.44 4.48 1.52
C LYS A 25 -11.95 4.21 1.43
N SER A 26 -12.61 4.19 2.58
CA SER A 26 -14.05 3.94 2.64
C SER A 26 -14.74 4.96 3.54
N GLU A 27 -16.06 5.09 3.37
CA GLU A 27 -16.84 6.03 4.16
C GLU A 27 -17.05 5.50 5.57
N ASP A 28 -16.79 4.21 5.75
CA ASP A 28 -16.95 3.57 7.06
C ASP A 28 -15.60 3.37 7.74
N GLU A 29 -14.54 3.29 6.94
CA GLU A 29 -13.20 3.10 7.47
C GLU A 29 -12.15 3.51 6.45
N GLU A 30 -10.91 3.67 6.91
CA GLU A 30 -9.81 4.07 6.04
C GLU A 30 -8.48 3.63 6.61
N TYR A 31 -7.72 2.87 5.81
CA TYR A 31 -6.42 2.38 6.25
C TYR A 31 -5.53 2.07 5.05
N LYS A 32 -4.22 1.95 5.28
CA LYS A 32 -3.27 1.65 4.23
C LYS A 32 -2.22 0.65 4.71
N SER A 33 -1.96 -0.36 3.89
CA SER A 33 -0.98 -1.38 4.24
C SER A 33 -0.65 -2.25 3.03
N CYS A 34 0.60 -2.68 2.94
CA CYS A 34 1.05 -3.52 1.82
C CYS A 34 2.53 -3.85 1.97
N GLY A 35 3.10 -4.42 0.90
CA GLY A 35 4.51 -4.78 0.93
C GLY A 35 4.88 -5.70 -0.22
N ILE A 36 4.51 -6.97 -0.11
CA ILE A 36 4.80 -7.95 -1.14
C ILE A 36 3.58 -8.26 -1.99
N GLN A 37 3.75 -8.22 -3.30
CA GLN A 37 2.65 -8.49 -4.23
C GLN A 37 1.97 -9.81 -3.88
N GLU A 38 2.73 -10.72 -3.28
CA GLU A 38 2.21 -12.03 -2.91
C GLU A 38 1.10 -11.89 -1.87
N GLU A 39 1.29 -10.97 -0.92
CA GLU A 39 0.31 -10.75 0.13
C GLU A 39 -0.76 -9.75 -0.33
N CYS A 40 -0.34 -8.75 -1.08
CA CYS A 40 -1.26 -7.73 -1.58
C CYS A 40 -2.24 -8.33 -2.59
N GLU A 41 -1.72 -9.20 -3.46
CA GLU A 41 -2.55 -9.84 -4.48
C GLU A 41 -3.42 -10.93 -3.86
N ASP A 42 -3.17 -11.22 -2.58
CA ASP A 42 -3.94 -12.24 -1.87
C ASP A 42 -5.44 -11.98 -2.00
N ALA A 43 -5.81 -10.72 -2.15
CA ALA A 43 -7.20 -10.34 -2.29
C ALA A 43 -7.82 -10.95 -3.56
N GLU A 44 -9.02 -11.50 -3.42
CA GLU A 44 -9.72 -12.11 -4.53
C GLU A 44 -10.73 -11.14 -5.14
N GLY A 45 -10.65 -10.96 -6.45
CA GLY A 45 -11.57 -10.05 -7.13
C GLY A 45 -11.04 -8.64 -7.20
N ALA A 46 -10.06 -8.33 -6.37
CA ALA A 46 -9.46 -7.00 -6.34
C ALA A 46 -8.08 -7.00 -6.97
N THR A 47 -7.62 -5.81 -7.37
CA THR A 47 -6.30 -5.68 -8.00
C THR A 47 -5.45 -4.65 -7.26
N VAL A 48 -4.17 -4.96 -7.14
CA VAL A 48 -3.23 -4.06 -6.46
C VAL A 48 -2.27 -3.41 -7.45
N LEU A 49 -2.24 -2.08 -7.42
CA LEU A 49 -1.36 -1.32 -8.31
C LEU A 49 -0.52 -0.32 -7.53
N CYS A 50 0.78 -0.29 -7.83
CA CYS A 50 1.69 0.62 -7.16
C CYS A 50 2.44 1.48 -8.17
N CYS A 51 2.78 2.71 -7.76
CA CYS A 51 3.49 3.62 -8.63
C CYS A 51 4.98 3.65 -8.29
N PRO A 52 5.81 3.95 -9.30
CA PRO A 52 7.26 4.01 -9.14
C PRO A 52 7.70 5.21 -8.30
N GLU A 53 6.75 6.10 -8.00
CA GLU A 53 7.04 7.28 -7.21
C GLU A 53 6.82 7.01 -5.73
N ASP A 54 7.01 8.04 -4.91
CA ASP A 54 6.83 7.91 -3.46
C ASP A 54 5.43 8.38 -3.05
N LEU A 55 4.87 7.71 -2.06
CA LEU A 55 3.53 8.05 -1.56
C LEU A 55 2.50 7.93 -2.68
N CYS A 56 2.31 6.72 -3.18
CA CYS A 56 1.34 6.47 -4.24
C CYS A 56 0.05 5.90 -3.68
N ASN A 57 0.13 5.34 -2.47
CA ASN A 57 -1.05 4.75 -1.83
C ASN A 57 -1.49 5.60 -0.64
N LEU A 1 11.70 4.31 -1.83
CA LEU A 1 10.25 4.40 -1.97
C LEU A 1 9.59 4.66 -0.62
N GLN A 2 8.43 5.32 -0.64
CA GLN A 2 7.70 5.63 0.57
C GLN A 2 6.23 5.25 0.44
N CYS A 3 5.60 4.91 1.55
CA CYS A 3 4.19 4.53 1.55
C CYS A 3 3.46 5.17 2.73
N ASN A 4 2.17 5.44 2.54
CA ASN A 4 1.36 6.05 3.58
C ASN A 4 0.81 4.98 4.54
N THR A 5 0.40 5.42 5.73
CA THR A 5 -0.13 4.51 6.73
C THR A 5 -1.54 4.93 7.15
N LEU A 6 -2.25 4.02 7.81
CA LEU A 6 -3.60 4.29 8.26
C LEU A 6 -3.61 5.35 9.35
N ASP A 7 -2.47 5.52 10.03
CA ASP A 7 -2.36 6.51 11.09
C ASP A 7 -2.20 7.91 10.51
N GLY A 8 -2.10 7.99 9.18
CA GLY A 8 -1.95 9.28 8.53
C GLY A 8 -0.49 9.67 8.36
N GLY A 9 0.41 8.87 8.91
CA GLY A 9 1.82 9.16 8.81
C GLY A 9 2.45 8.55 7.59
N THR A 10 3.75 8.79 7.40
CA THR A 10 4.47 8.25 6.25
C THR A 10 5.51 7.22 6.69
N GLU A 11 5.71 6.20 5.87
CA GLU A 11 6.68 5.15 6.17
C GLU A 11 7.58 4.89 4.97
N GLU A 12 8.84 4.53 5.25
CA GLU A 12 9.80 4.25 4.19
C GLU A 12 9.73 2.79 3.76
N CYS A 13 9.43 2.57 2.48
CA CYS A 13 9.33 1.22 1.94
C CYS A 13 10.58 0.85 1.17
N ILE A 14 11.34 -0.12 1.69
CA ILE A 14 12.57 -0.57 1.05
C ILE A 14 12.27 -1.52 -0.10
N PRO A 15 13.07 -1.43 -1.17
CA PRO A 15 12.91 -2.28 -2.36
C PRO A 15 13.29 -3.73 -2.08
N GLY A 16 14.00 -3.95 -0.99
CA GLY A 16 14.41 -5.30 -0.62
C GLY A 16 13.25 -6.17 -0.21
N ILE A 17 12.13 -5.54 0.15
CA ILE A 17 10.94 -6.26 0.57
C ILE A 17 9.67 -5.57 0.07
N TYR A 18 9.38 -4.40 0.63
CA TYR A 18 8.20 -3.65 0.25
C TYR A 18 8.36 -3.04 -1.13
N ASN A 19 7.69 -3.63 -2.12
CA ASN A 19 7.76 -3.16 -3.49
C ASN A 19 6.38 -2.75 -4.00
N VAL A 20 5.35 -3.12 -3.26
CA VAL A 20 3.97 -2.78 -3.62
C VAL A 20 3.34 -1.86 -2.59
N CYS A 21 2.16 -1.35 -2.91
CA CYS A 21 1.44 -0.46 -2.01
C CYS A 21 -0.06 -0.49 -2.29
N VAL A 22 -0.85 -0.43 -1.22
CA VAL A 22 -2.30 -0.45 -1.34
C VAL A 22 -2.95 0.60 -0.45
N HIS A 23 -3.97 1.28 -0.99
CA HIS A 23 -4.67 2.32 -0.24
C HIS A 23 -6.17 2.01 -0.18
N TYR A 24 -6.67 1.79 1.02
CA TYR A 24 -8.09 1.49 1.21
C TYR A 24 -8.84 2.72 1.74
N LYS A 25 -9.76 3.23 0.93
CA LYS A 25 -10.55 4.39 1.30
C LYS A 25 -12.05 4.10 1.17
N SER A 26 -12.74 4.13 2.29
CA SER A 26 -14.18 3.87 2.31
C SER A 26 -14.91 4.90 3.17
N GLU A 27 -16.22 5.03 2.96
CA GLU A 27 -17.02 5.97 3.72
C GLU A 27 -17.29 5.44 5.13
N ASP A 28 -17.02 4.16 5.34
CA ASP A 28 -17.22 3.55 6.64
C ASP A 28 -15.89 3.36 7.37
N GLU A 29 -14.81 3.27 6.60
CA GLU A 29 -13.48 3.10 7.17
C GLU A 29 -12.40 3.52 6.18
N GLU A 30 -11.18 3.68 6.68
CA GLU A 30 -10.06 4.08 5.83
C GLU A 30 -8.73 3.66 6.45
N TYR A 31 -7.94 2.91 5.68
CA TYR A 31 -6.65 2.43 6.16
C TYR A 31 -5.72 2.12 4.99
N LYS A 32 -4.44 2.02 5.28
CA LYS A 32 -3.44 1.73 4.24
C LYS A 32 -2.41 0.73 4.75
N SER A 33 -2.11 -0.28 3.95
CA SER A 33 -1.14 -1.31 4.32
C SER A 33 -0.77 -2.17 3.11
N CYS A 34 0.49 -2.59 3.06
CA CYS A 34 0.97 -3.41 1.97
C CYS A 34 2.45 -3.74 2.15
N GLY A 35 3.08 -4.29 1.10
CA GLY A 35 4.48 -4.64 1.17
C GLY A 35 4.93 -5.44 -0.04
N ILE A 36 4.60 -6.73 -0.04
CA ILE A 36 4.98 -7.61 -1.14
C ILE A 36 3.77 -8.01 -1.97
N GLN A 37 3.94 -8.05 -3.29
CA GLN A 37 2.86 -8.41 -4.19
C GLN A 37 2.22 -9.74 -3.76
N GLU A 38 2.98 -10.56 -3.06
CA GLU A 38 2.49 -11.85 -2.60
C GLU A 38 1.45 -11.67 -1.49
N GLU A 39 1.69 -10.71 -0.61
CA GLU A 39 0.78 -10.43 0.48
C GLU A 39 -0.33 -9.48 0.04
N CYS A 40 -0.02 -8.60 -0.90
CA CYS A 40 -0.99 -7.64 -1.41
C CYS A 40 -1.99 -8.31 -2.33
N GLU A 41 -1.52 -9.27 -3.12
CA GLU A 41 -2.38 -10.00 -4.05
C GLU A 41 -3.35 -10.90 -3.29
N ASP A 42 -3.11 -11.07 -1.99
CA ASP A 42 -3.96 -11.90 -1.16
C ASP A 42 -5.43 -11.50 -1.32
N ALA A 43 -5.67 -10.22 -1.56
CA ALA A 43 -7.02 -9.71 -1.74
C ALA A 43 -7.65 -10.25 -3.02
N GLU A 44 -8.64 -11.13 -2.85
CA GLU A 44 -9.33 -11.73 -3.99
C GLU A 44 -10.41 -10.79 -4.52
N GLY A 45 -10.40 -10.56 -5.84
CA GLY A 45 -11.39 -9.69 -6.44
C GLY A 45 -10.81 -8.32 -6.79
N ALA A 46 -10.28 -7.63 -5.80
CA ALA A 46 -9.71 -6.31 -6.01
C ALA A 46 -8.33 -6.42 -6.66
N THR A 47 -7.89 -5.32 -7.28
CA THR A 47 -6.59 -5.29 -7.94
C THR A 47 -5.62 -4.39 -7.20
N VAL A 48 -4.37 -4.82 -7.12
CA VAL A 48 -3.33 -4.05 -6.43
C VAL A 48 -2.43 -3.34 -7.43
N LEU A 49 -2.41 -2.01 -7.35
CA LEU A 49 -1.58 -1.20 -8.24
C LEU A 49 -0.71 -0.23 -7.46
N CYS A 50 0.57 -0.18 -7.81
CA CYS A 50 1.51 0.72 -7.14
C CYS A 50 2.19 1.65 -8.14
N CYS A 51 2.53 2.85 -7.69
CA CYS A 51 3.19 3.83 -8.55
C CYS A 51 4.69 3.86 -8.27
N PRO A 52 5.47 4.22 -9.31
CA PRO A 52 6.93 4.29 -9.19
C PRO A 52 7.38 5.46 -8.32
N GLU A 53 6.44 6.31 -7.95
CA GLU A 53 6.75 7.47 -7.11
C GLU A 53 6.60 7.13 -5.63
N ASP A 54 6.83 8.11 -4.78
CA ASP A 54 6.73 7.92 -3.33
C ASP A 54 5.37 8.38 -2.82
N LEU A 55 4.84 7.65 -1.83
CA LEU A 55 3.54 7.99 -1.26
C LEU A 55 2.45 7.97 -2.32
N CYS A 56 2.22 6.80 -2.90
CA CYS A 56 1.19 6.64 -3.93
C CYS A 56 -0.08 6.03 -3.34
N ASN A 57 0.05 5.38 -2.20
CA ASN A 57 -1.08 4.75 -1.54
C ASN A 57 -1.46 5.50 -0.27
N LEU A 1 11.79 4.50 -1.87
CA LEU A 1 10.34 4.52 -2.02
C LEU A 1 9.66 4.77 -0.68
N GLN A 2 8.49 5.40 -0.72
CA GLN A 2 7.74 5.68 0.50
C GLN A 2 6.28 5.27 0.34
N CYS A 3 5.66 4.90 1.46
CA CYS A 3 4.26 4.48 1.45
C CYS A 3 3.49 5.13 2.59
N ASN A 4 2.21 5.39 2.36
CA ASN A 4 1.36 6.01 3.37
C ASN A 4 0.99 5.01 4.47
N THR A 5 0.44 5.52 5.56
CA THR A 5 0.04 4.67 6.68
C THR A 5 -1.42 4.91 7.06
N LEU A 6 -2.02 3.92 7.71
CA LEU A 6 -3.41 4.03 8.14
C LEU A 6 -3.58 5.09 9.21
N ASP A 7 -2.48 5.44 9.86
CA ASP A 7 -2.49 6.45 10.91
C ASP A 7 -2.36 7.85 10.32
N GLY A 8 -2.34 7.92 8.99
CA GLY A 8 -2.20 9.21 8.32
C GLY A 8 -0.75 9.62 8.14
N GLY A 9 0.15 8.87 8.77
CA GLY A 9 1.57 9.18 8.67
C GLY A 9 2.22 8.55 7.46
N THR A 10 3.52 8.81 7.28
CA THR A 10 4.25 8.26 6.16
C THR A 10 5.31 7.25 6.62
N GLU A 11 5.53 6.22 5.82
CA GLU A 11 6.51 5.19 6.15
C GLU A 11 7.46 4.95 4.98
N GLU A 12 8.70 4.61 5.30
CA GLU A 12 9.71 4.35 4.28
C GLU A 12 9.67 2.90 3.83
N CYS A 13 9.46 2.68 2.55
CA CYS A 13 9.40 1.34 1.99
C CYS A 13 10.79 0.86 1.55
N ILE A 14 11.29 -0.18 2.21
CA ILE A 14 12.60 -0.72 1.89
C ILE A 14 12.59 -1.39 0.52
N PRO A 15 13.62 -1.08 -0.30
CA PRO A 15 13.76 -1.63 -1.64
C PRO A 15 14.11 -3.11 -1.62
N GLY A 16 13.09 -3.95 -1.41
CA GLY A 16 13.31 -5.38 -1.39
C GLY A 16 12.17 -6.12 -0.71
N ILE A 17 11.76 -5.63 0.46
CA ILE A 17 10.68 -6.26 1.21
C ILE A 17 9.32 -5.67 0.81
N TYR A 18 9.33 -4.39 0.44
CA TYR A 18 8.11 -3.71 0.04
C TYR A 18 8.26 -3.07 -1.33
N ASN A 19 7.59 -3.63 -2.33
CA ASN A 19 7.66 -3.12 -3.69
C ASN A 19 6.28 -2.70 -4.18
N VAL A 20 5.25 -3.07 -3.42
CA VAL A 20 3.88 -2.73 -3.78
C VAL A 20 3.25 -1.80 -2.74
N CYS A 21 2.04 -1.32 -3.03
CA CYS A 21 1.34 -0.43 -2.12
C CYS A 21 -0.16 -0.46 -2.39
N VAL A 22 -0.95 -0.42 -1.33
CA VAL A 22 -2.40 -0.43 -1.45
C VAL A 22 -3.04 0.68 -0.63
N HIS A 23 -4.04 1.34 -1.20
CA HIS A 23 -4.73 2.44 -0.53
C HIS A 23 -6.23 2.15 -0.43
N TYR A 24 -6.70 1.91 0.78
CA TYR A 24 -8.11 1.62 1.02
C TYR A 24 -8.82 2.84 1.60
N LYS A 25 -9.77 3.38 0.83
CA LYS A 25 -10.54 4.54 1.27
C LYS A 25 -12.03 4.28 1.16
N SER A 26 -12.71 4.28 2.30
CA SER A 26 -14.15 4.04 2.34
C SER A 26 -14.85 5.05 3.24
N GLU A 27 -16.16 5.19 3.04
CA GLU A 27 -16.95 6.14 3.83
C GLU A 27 -17.18 5.60 5.24
N ASP A 28 -16.92 4.31 5.43
CA ASP A 28 -17.11 3.67 6.72
C ASP A 28 -15.77 3.46 7.42
N GLU A 29 -14.71 3.38 6.64
CA GLU A 29 -13.36 3.18 7.18
C GLU A 29 -12.30 3.59 6.16
N GLU A 30 -11.06 3.74 6.64
CA GLU A 30 -9.95 4.13 5.78
C GLU A 30 -8.62 3.68 6.38
N TYR A 31 -7.87 2.93 5.59
CA TYR A 31 -6.57 2.43 6.04
C TYR A 31 -5.67 2.10 4.85
N LYS A 32 -4.37 2.00 5.11
CA LYS A 32 -3.41 1.68 4.07
C LYS A 32 -2.36 0.69 4.57
N SER A 33 -2.07 -0.33 3.77
CA SER A 33 -1.09 -1.33 4.15
C SER A 33 -0.73 -2.21 2.95
N CYS A 34 0.54 -2.62 2.88
CA CYS A 34 1.01 -3.45 1.78
C CYS A 34 2.50 -3.76 1.94
N GLY A 35 3.10 -4.33 0.89
CA GLY A 35 4.50 -4.65 0.93
C GLY A 35 4.93 -5.53 -0.24
N ILE A 36 4.66 -6.81 -0.16
CA ILE A 36 5.01 -7.76 -1.21
C ILE A 36 3.79 -8.13 -2.04
N GLN A 37 3.94 -8.08 -3.36
CA GLN A 37 2.84 -8.43 -4.26
C GLN A 37 2.24 -9.78 -3.89
N GLU A 38 3.07 -10.67 -3.34
CA GLU A 38 2.62 -11.99 -2.95
C GLU A 38 1.54 -11.90 -1.88
N GLU A 39 1.71 -10.97 -0.95
CA GLU A 39 0.74 -10.78 0.13
C GLU A 39 -0.39 -9.86 -0.31
N CYS A 40 -0.04 -8.78 -1.00
CA CYS A 40 -1.03 -7.83 -1.49
C CYS A 40 -2.01 -8.49 -2.44
N GLU A 41 -1.50 -9.34 -3.32
CA GLU A 41 -2.32 -10.05 -4.29
C GLU A 41 -3.36 -10.92 -3.59
N ASP A 42 -3.05 -11.33 -2.36
CA ASP A 42 -3.95 -12.17 -1.58
C ASP A 42 -5.33 -11.52 -1.47
N ALA A 43 -5.37 -10.19 -1.56
CA ALA A 43 -6.63 -9.46 -1.47
C ALA A 43 -7.51 -9.72 -2.69
N GLU A 44 -8.28 -10.81 -2.64
CA GLU A 44 -9.16 -11.18 -3.74
C GLU A 44 -10.33 -10.21 -3.84
N GLY A 45 -10.62 -9.76 -5.05
CA GLY A 45 -11.73 -8.83 -5.25
C GLY A 45 -11.31 -7.60 -6.04
N ALA A 46 -10.28 -6.91 -5.55
CA ALA A 46 -9.79 -5.71 -6.21
C ALA A 46 -8.34 -5.87 -6.63
N THR A 47 -7.97 -5.24 -7.74
CA THR A 47 -6.61 -5.31 -8.26
C THR A 47 -5.67 -4.39 -7.49
N VAL A 48 -4.45 -4.84 -7.25
CA VAL A 48 -3.46 -4.05 -6.53
C VAL A 48 -2.44 -3.45 -7.49
N LEU A 49 -2.38 -2.13 -7.52
CA LEU A 49 -1.44 -1.42 -8.39
C LEU A 49 -0.63 -0.40 -7.61
N CYS A 50 0.68 -0.38 -7.86
CA CYS A 50 1.57 0.56 -7.18
C CYS A 50 2.31 1.43 -8.18
N CYS A 51 2.61 2.66 -7.78
CA CYS A 51 3.32 3.60 -8.64
C CYS A 51 4.81 3.65 -8.28
N PRO A 52 5.64 3.96 -9.28
CA PRO A 52 7.09 4.05 -9.10
C PRO A 52 7.50 5.26 -8.26
N GLU A 53 6.53 6.12 -7.98
CA GLU A 53 6.79 7.32 -7.19
C GLU A 53 6.67 7.02 -5.69
N ASP A 54 6.85 8.07 -4.88
CA ASP A 54 6.77 7.90 -3.43
C ASP A 54 5.40 8.35 -2.91
N LEU A 55 4.88 7.62 -1.93
CA LEU A 55 3.58 7.93 -1.36
C LEU A 55 2.51 8.03 -2.43
N CYS A 56 2.27 6.91 -3.12
CA CYS A 56 1.27 6.87 -4.18
C CYS A 56 -0.03 6.24 -3.68
N ASN A 57 0.06 5.50 -2.58
CA ASN A 57 -1.09 4.84 -2.00
C ASN A 57 -1.61 5.63 -0.79
N LEU A 1 11.79 4.67 -1.54
CA LEU A 1 10.35 4.60 -1.75
C LEU A 1 9.60 4.80 -0.43
N GLN A 2 8.46 5.48 -0.51
CA GLN A 2 7.65 5.74 0.68
C GLN A 2 6.20 5.32 0.46
N CYS A 3 5.53 4.93 1.52
CA CYS A 3 4.13 4.51 1.43
C CYS A 3 3.29 5.15 2.54
N ASN A 4 2.02 5.36 2.25
CA ASN A 4 1.12 5.98 3.23
C ASN A 4 0.71 4.97 4.29
N THR A 5 0.24 5.49 5.43
CA THR A 5 -0.17 4.64 6.54
C THR A 5 -1.62 4.90 6.91
N LEU A 6 -2.24 3.95 7.60
CA LEU A 6 -3.63 4.08 8.02
C LEU A 6 -3.78 5.19 9.06
N ASP A 7 -2.68 5.52 9.74
CA ASP A 7 -2.69 6.56 10.75
C ASP A 7 -2.60 7.94 10.11
N GLY A 8 -2.51 7.97 8.78
CA GLY A 8 -2.43 9.23 8.07
C GLY A 8 -0.99 9.69 7.89
N GLY A 9 -0.06 9.01 8.53
CA GLY A 9 1.34 9.37 8.43
C GLY A 9 2.03 8.68 7.27
N THR A 10 3.31 8.99 7.07
CA THR A 10 4.08 8.39 5.99
C THR A 10 5.12 7.42 6.52
N GLU A 11 5.36 6.35 5.76
CA GLU A 11 6.32 5.33 6.15
C GLU A 11 7.33 5.07 5.04
N GLU A 12 8.55 4.75 5.41
CA GLU A 12 9.61 4.48 4.44
C GLU A 12 9.61 3.00 4.03
N CYS A 13 9.30 2.74 2.77
CA CYS A 13 9.26 1.38 2.25
C CYS A 13 10.64 0.95 1.73
N ILE A 14 11.03 -0.27 2.05
CA ILE A 14 12.31 -0.80 1.61
C ILE A 14 12.21 -1.42 0.23
N PRO A 15 13.14 -1.05 -0.67
CA PRO A 15 13.17 -1.56 -2.04
C PRO A 15 13.57 -3.04 -2.09
N GLY A 16 13.96 -3.58 -0.95
CA GLY A 16 14.36 -4.98 -0.89
C GLY A 16 13.35 -5.84 -0.15
N ILE A 17 12.19 -5.27 0.13
CA ILE A 17 11.13 -5.99 0.83
C ILE A 17 9.75 -5.59 0.33
N TYR A 18 9.46 -4.30 0.38
CA TYR A 18 8.18 -3.77 -0.08
C TYR A 18 8.30 -3.15 -1.46
N ASN A 19 7.61 -3.74 -2.43
CA ASN A 19 7.64 -3.23 -3.80
C ASN A 19 6.25 -2.83 -4.26
N VAL A 20 5.24 -3.20 -3.49
CA VAL A 20 3.86 -2.87 -3.81
C VAL A 20 3.25 -1.94 -2.77
N CYS A 21 2.05 -1.45 -3.05
CA CYS A 21 1.35 -0.54 -2.15
C CYS A 21 -0.15 -0.56 -2.40
N VAL A 22 -0.93 -0.45 -1.33
CA VAL A 22 -2.38 -0.45 -1.44
C VAL A 22 -3.00 0.66 -0.59
N HIS A 23 -4.01 1.32 -1.13
CA HIS A 23 -4.68 2.40 -0.42
C HIS A 23 -6.18 2.15 -0.34
N TYR A 24 -6.66 1.89 0.88
CA TYR A 24 -8.09 1.61 1.09
C TYR A 24 -8.78 2.84 1.67
N LYS A 25 -9.72 3.40 0.91
CA LYS A 25 -10.47 4.56 1.35
C LYS A 25 -11.97 4.33 1.24
N SER A 26 -12.65 4.32 2.38
CA SER A 26 -14.09 4.10 2.41
C SER A 26 -14.78 5.13 3.31
N GLU A 27 -16.09 5.29 3.11
CA GLU A 27 -16.87 6.23 3.91
C GLU A 27 -17.11 5.69 5.31
N ASP A 28 -16.87 4.40 5.49
CA ASP A 28 -17.07 3.76 6.79
C ASP A 28 -15.74 3.53 7.49
N GLU A 29 -14.67 3.42 6.70
CA GLU A 29 -13.33 3.21 7.24
C GLU A 29 -12.26 3.61 6.24
N GLU A 30 -11.02 3.74 6.71
CA GLU A 30 -9.91 4.13 5.86
C GLU A 30 -8.59 3.64 6.44
N TYR A 31 -7.84 2.88 5.64
CA TYR A 31 -6.56 2.36 6.08
C TYR A 31 -5.66 2.04 4.88
N LYS A 32 -4.37 1.89 5.14
CA LYS A 32 -3.41 1.58 4.09
C LYS A 32 -2.35 0.60 4.59
N SER A 33 -2.07 -0.43 3.77
CA SER A 33 -1.08 -1.43 4.14
C SER A 33 -0.72 -2.29 2.93
N CYS A 34 0.54 -2.72 2.87
CA CYS A 34 1.01 -3.55 1.77
C CYS A 34 2.49 -3.88 1.94
N GLY A 35 3.09 -4.44 0.89
CA GLY A 35 4.49 -4.80 0.94
C GLY A 35 4.93 -5.59 -0.27
N ILE A 36 4.63 -6.89 -0.27
CA ILE A 36 5.00 -7.76 -1.38
C ILE A 36 3.78 -8.16 -2.20
N GLN A 37 3.92 -8.13 -3.52
CA GLN A 37 2.83 -8.50 -4.42
C GLN A 37 2.22 -9.84 -4.02
N GLU A 38 3.05 -10.72 -3.48
CA GLU A 38 2.60 -12.03 -3.06
C GLU A 38 1.56 -11.93 -1.95
N GLU A 39 1.76 -10.98 -1.04
CA GLU A 39 0.84 -10.77 0.08
C GLU A 39 -0.32 -9.86 -0.35
N CYS A 40 0.00 -8.79 -1.07
CA CYS A 40 -0.99 -7.85 -1.53
C CYS A 40 -2.00 -8.53 -2.47
N GLU A 41 -1.50 -9.45 -3.29
CA GLU A 41 -2.35 -10.17 -4.24
C GLU A 41 -3.46 -10.91 -3.50
N ASP A 42 -3.24 -11.19 -2.23
CA ASP A 42 -4.22 -11.90 -1.42
C ASP A 42 -5.59 -11.23 -1.51
N ALA A 43 -5.58 -9.92 -1.72
CA ALA A 43 -6.82 -9.16 -1.83
C ALA A 43 -7.58 -9.52 -3.10
N GLU A 44 -8.41 -10.56 -3.02
CA GLU A 44 -9.19 -11.00 -4.16
C GLU A 44 -10.33 -10.04 -4.46
N GLY A 45 -10.67 -9.91 -5.74
CA GLY A 45 -11.76 -9.02 -6.12
C GLY A 45 -11.26 -7.67 -6.58
N ALA A 46 -10.19 -7.19 -5.95
CA ALA A 46 -9.61 -5.89 -6.30
C ALA A 46 -8.17 -6.05 -6.76
N THR A 47 -7.81 -5.34 -7.82
CA THR A 47 -6.46 -5.39 -8.35
C THR A 47 -5.52 -4.47 -7.58
N VAL A 48 -4.29 -4.93 -7.37
CA VAL A 48 -3.29 -4.14 -6.65
C VAL A 48 -2.28 -3.52 -7.60
N LEU A 49 -2.23 -2.19 -7.61
CA LEU A 49 -1.31 -1.47 -8.48
C LEU A 49 -0.49 -0.47 -7.68
N CYS A 50 0.81 -0.42 -7.96
CA CYS A 50 1.71 0.50 -7.27
C CYS A 50 2.47 1.37 -8.27
N CYS A 51 2.78 2.60 -7.85
CA CYS A 51 3.50 3.53 -8.72
C CYS A 51 4.98 3.56 -8.36
N PRO A 52 5.83 3.87 -9.35
CA PRO A 52 7.28 3.94 -9.17
C PRO A 52 7.70 5.14 -8.32
N GLU A 53 6.74 6.02 -8.03
CA GLU A 53 7.00 7.21 -7.23
C GLU A 53 6.81 6.92 -5.74
N ASP A 54 6.99 7.95 -4.92
CA ASP A 54 6.82 7.80 -3.48
C ASP A 54 5.45 8.29 -3.03
N LEU A 55 4.88 7.60 -2.04
CA LEU A 55 3.57 7.96 -1.53
C LEU A 55 2.51 7.93 -2.63
N CYS A 56 2.32 6.74 -3.21
CA CYS A 56 1.34 6.58 -4.29
C CYS A 56 0.04 5.98 -3.74
N ASN A 57 0.12 5.34 -2.57
CA ASN A 57 -1.04 4.74 -1.95
C ASN A 57 -1.50 5.54 -0.75
N LEU A 1 11.83 4.35 -1.31
CA LEU A 1 10.47 4.79 -1.57
C LEU A 1 9.72 5.01 -0.26
N GLN A 2 8.51 5.57 -0.37
CA GLN A 2 7.69 5.83 0.81
C GLN A 2 6.26 5.36 0.59
N CYS A 3 5.59 4.98 1.66
CA CYS A 3 4.21 4.51 1.59
C CYS A 3 3.36 5.14 2.68
N ASN A 4 2.08 5.35 2.36
CA ASN A 4 1.15 5.95 3.32
C ASN A 4 0.74 4.94 4.39
N THR A 5 0.30 5.45 5.54
CA THR A 5 -0.13 4.59 6.63
C THR A 5 -1.57 4.88 7.03
N LEU A 6 -2.20 3.93 7.70
CA LEU A 6 -3.59 4.08 8.13
C LEU A 6 -3.71 5.18 9.19
N ASP A 7 -2.60 5.46 9.86
CA ASP A 7 -2.59 6.50 10.89
C ASP A 7 -2.56 7.89 10.27
N GLY A 8 -2.46 7.94 8.95
CA GLY A 8 -2.42 9.21 8.25
C GLY A 8 -1.02 9.72 8.04
N GLY A 9 -0.04 9.04 8.64
CA GLY A 9 1.34 9.44 8.50
C GLY A 9 2.05 8.76 7.35
N THR A 10 3.31 9.08 7.15
CA THR A 10 4.09 8.50 6.06
C THR A 10 5.16 7.55 6.60
N GLU A 11 5.41 6.47 5.87
CA GLU A 11 6.42 5.50 6.28
C GLU A 11 7.40 5.21 5.15
N GLU A 12 8.65 4.93 5.51
CA GLU A 12 9.69 4.64 4.54
C GLU A 12 9.70 3.16 4.18
N CYS A 13 9.48 2.86 2.90
CA CYS A 13 9.47 1.49 2.41
C CYS A 13 10.86 1.06 1.94
N ILE A 14 11.36 -0.03 2.50
CA ILE A 14 12.67 -0.55 2.14
C ILE A 14 12.68 -1.08 0.71
N PRO A 15 13.70 -0.70 -0.07
CA PRO A 15 13.84 -1.14 -1.46
C PRO A 15 14.18 -2.62 -1.57
N GLY A 16 13.18 -3.47 -1.40
CA GLY A 16 13.41 -4.90 -1.49
C GLY A 16 12.33 -5.70 -0.77
N ILE A 17 11.99 -5.26 0.44
CA ILE A 17 10.98 -5.94 1.24
C ILE A 17 9.57 -5.54 0.79
N TYR A 18 9.43 -4.32 0.30
CA TYR A 18 8.14 -3.82 -0.16
C TYR A 18 8.27 -3.20 -1.55
N ASN A 19 7.57 -3.80 -2.52
CA ASN A 19 7.61 -3.31 -3.89
C ASN A 19 6.21 -2.89 -4.35
N VAL A 20 5.20 -3.24 -3.56
CA VAL A 20 3.82 -2.90 -3.88
C VAL A 20 3.23 -1.97 -2.83
N CYS A 21 2.01 -1.49 -3.09
CA CYS A 21 1.34 -0.58 -2.17
C CYS A 21 -0.17 -0.58 -2.42
N VAL A 22 -0.94 -0.51 -1.35
CA VAL A 22 -2.40 -0.50 -1.44
C VAL A 22 -3.00 0.58 -0.55
N HIS A 23 -4.01 1.27 -1.06
CA HIS A 23 -4.68 2.32 -0.30
C HIS A 23 -6.18 2.08 -0.24
N TYR A 24 -6.68 1.80 0.96
CA TYR A 24 -8.10 1.55 1.16
C TYR A 24 -8.79 2.76 1.75
N LYS A 25 -9.72 3.34 1.00
CA LYS A 25 -10.46 4.50 1.45
C LYS A 25 -11.96 4.28 1.33
N SER A 26 -12.65 4.26 2.46
CA SER A 26 -14.09 4.05 2.48
C SER A 26 -14.78 5.07 3.39
N GLU A 27 -16.08 5.24 3.20
CA GLU A 27 -16.85 6.17 4.00
C GLU A 27 -17.12 5.62 5.40
N ASP A 28 -16.89 4.32 5.56
CA ASP A 28 -17.08 3.66 6.85
C ASP A 28 -15.76 3.41 7.55
N GLU A 29 -14.69 3.32 6.76
CA GLU A 29 -13.36 3.08 7.30
C GLU A 29 -12.28 3.50 6.31
N GLU A 30 -11.05 3.60 6.80
CA GLU A 30 -9.93 3.99 5.95
C GLU A 30 -8.60 3.50 6.53
N TYR A 31 -7.85 2.74 5.73
CA TYR A 31 -6.58 2.21 6.17
C TYR A 31 -5.67 1.91 4.98
N LYS A 32 -4.38 1.76 5.23
CA LYS A 32 -3.41 1.46 4.18
C LYS A 32 -2.38 0.45 4.66
N SER A 33 -2.11 -0.55 3.82
CA SER A 33 -1.15 -1.59 4.16
C SER A 33 -0.79 -2.41 2.93
N CYS A 34 0.47 -2.83 2.85
CA CYS A 34 0.95 -3.63 1.73
C CYS A 34 2.43 -3.97 1.89
N GLY A 35 3.03 -4.49 0.83
CA GLY A 35 4.44 -4.85 0.87
C GLY A 35 4.87 -5.63 -0.36
N ILE A 36 4.54 -6.92 -0.38
CA ILE A 36 4.90 -7.78 -1.50
C ILE A 36 3.67 -8.16 -2.32
N GLN A 37 3.82 -8.14 -3.64
CA GLN A 37 2.71 -8.49 -4.53
C GLN A 37 2.09 -9.82 -4.13
N GLU A 38 2.90 -10.71 -3.56
CA GLU A 38 2.42 -12.02 -3.14
C GLU A 38 1.40 -11.89 -2.02
N GLU A 39 1.64 -10.94 -1.11
CA GLU A 39 0.74 -10.72 0.01
C GLU A 39 -0.40 -9.79 -0.39
N CYS A 40 -0.09 -8.79 -1.21
CA CYS A 40 -1.08 -7.83 -1.66
C CYS A 40 -2.09 -8.49 -2.60
N GLU A 41 -1.61 -9.44 -3.39
CA GLU A 41 -2.46 -10.15 -4.34
C GLU A 41 -3.53 -10.98 -3.60
N ASP A 42 -3.29 -11.22 -2.31
CA ASP A 42 -4.22 -11.98 -1.50
C ASP A 42 -5.63 -11.43 -1.60
N ALA A 43 -5.72 -10.12 -1.85
CA ALA A 43 -7.02 -9.46 -1.98
C ALA A 43 -7.73 -9.89 -3.26
N GLU A 44 -8.44 -11.01 -3.18
CA GLU A 44 -9.16 -11.54 -4.33
C GLU A 44 -10.33 -10.62 -4.71
N GLY A 45 -10.51 -10.41 -6.00
CA GLY A 45 -11.59 -9.55 -6.47
C GLY A 45 -11.13 -8.12 -6.68
N ALA A 46 -10.07 -7.73 -5.97
CA ALA A 46 -9.54 -6.38 -6.09
C ALA A 46 -8.19 -6.37 -6.79
N THR A 47 -7.92 -5.31 -7.55
CA THR A 47 -6.67 -5.18 -8.27
C THR A 47 -5.67 -4.32 -7.51
N VAL A 48 -4.43 -4.79 -7.43
CA VAL A 48 -3.38 -4.06 -6.73
C VAL A 48 -2.45 -3.34 -7.71
N LEU A 49 -2.41 -2.02 -7.61
CA LEU A 49 -1.57 -1.22 -8.49
C LEU A 49 -0.69 -0.27 -7.68
N CYS A 50 0.60 -0.23 -8.01
CA CYS A 50 1.55 0.63 -7.31
C CYS A 50 2.28 1.54 -8.30
N CYS A 51 2.64 2.73 -7.84
CA CYS A 51 3.35 3.70 -8.68
C CYS A 51 4.84 3.68 -8.38
N PRO A 52 5.65 4.02 -9.40
CA PRO A 52 7.10 4.05 -9.27
C PRO A 52 7.59 5.19 -8.39
N GLU A 53 6.67 6.10 -8.04
CA GLU A 53 7.00 7.24 -7.20
C GLU A 53 6.78 6.91 -5.73
N ASP A 54 7.01 7.89 -4.87
CA ASP A 54 6.84 7.71 -3.43
C ASP A 54 5.46 8.19 -2.99
N LEU A 55 4.91 7.53 -1.98
CA LEU A 55 3.59 7.89 -1.45
C LEU A 55 2.53 7.81 -2.55
N CYS A 56 2.31 6.61 -3.07
CA CYS A 56 1.33 6.39 -4.12
C CYS A 56 0.03 5.82 -3.54
N ASN A 57 0.13 5.24 -2.35
CA ASN A 57 -1.03 4.66 -1.69
C ASN A 57 -1.42 5.48 -0.45
N LEU A 1 11.65 4.39 -1.99
CA LEU A 1 10.20 4.49 -2.11
C LEU A 1 9.54 4.67 -0.74
N GLN A 2 8.44 5.39 -0.71
CA GLN A 2 7.72 5.63 0.53
C GLN A 2 6.23 5.31 0.37
N CYS A 3 5.61 4.88 1.46
CA CYS A 3 4.19 4.53 1.45
C CYS A 3 3.47 5.17 2.63
N ASN A 4 2.20 5.51 2.43
CA ASN A 4 1.40 6.11 3.49
C ASN A 4 0.97 5.07 4.53
N THR A 5 0.47 5.53 5.66
CA THR A 5 0.02 4.65 6.73
C THR A 5 -1.39 4.98 7.17
N LEU A 6 -2.06 3.99 7.75
CA LEU A 6 -3.43 4.17 8.22
C LEU A 6 -3.49 5.18 9.37
N ASP A 7 -2.37 5.33 10.06
CA ASP A 7 -2.28 6.26 11.19
C ASP A 7 -2.18 7.70 10.70
N GLY A 8 -2.08 7.87 9.38
CA GLY A 8 -1.97 9.20 8.81
C GLY A 8 -0.53 9.62 8.57
N GLY A 9 0.41 8.81 9.07
CA GLY A 9 1.82 9.12 8.90
C GLY A 9 2.40 8.47 7.66
N THR A 10 3.69 8.72 7.42
CA THR A 10 4.38 8.16 6.27
C THR A 10 5.41 7.12 6.69
N GLU A 11 5.57 6.07 5.88
CA GLU A 11 6.53 5.02 6.18
C GLU A 11 7.44 4.77 4.98
N GLU A 12 8.68 4.40 5.26
CA GLU A 12 9.66 4.14 4.21
C GLU A 12 9.59 2.68 3.76
N CYS A 13 9.36 2.47 2.47
CA CYS A 13 9.27 1.13 1.91
C CYS A 13 10.54 0.76 1.16
N ILE A 14 11.29 -0.20 1.71
CA ILE A 14 12.54 -0.64 1.09
C ILE A 14 12.27 -1.59 -0.07
N PRO A 15 13.10 -1.49 -1.12
CA PRO A 15 12.97 -2.34 -2.31
C PRO A 15 13.34 -3.79 -2.03
N GLY A 16 13.89 -4.04 -0.86
CA GLY A 16 14.28 -5.39 -0.48
C GLY A 16 13.09 -6.24 -0.06
N ILE A 17 11.99 -5.58 0.27
CA ILE A 17 10.78 -6.28 0.70
C ILE A 17 9.53 -5.58 0.18
N TYR A 18 9.26 -4.40 0.72
CA TYR A 18 8.09 -3.62 0.32
C TYR A 18 8.31 -2.97 -1.04
N ASN A 19 7.66 -3.52 -2.06
CA ASN A 19 7.79 -3.00 -3.42
C ASN A 19 6.44 -2.55 -3.97
N VAL A 20 5.38 -2.91 -3.24
CA VAL A 20 4.02 -2.55 -3.65
C VAL A 20 3.37 -1.62 -2.63
N CYS A 21 2.19 -1.12 -2.97
CA CYS A 21 1.47 -0.22 -2.08
C CYS A 21 -0.03 -0.27 -2.37
N VAL A 22 -0.84 -0.19 -1.32
CA VAL A 22 -2.29 -0.21 -1.46
C VAL A 22 -2.95 0.86 -0.59
N HIS A 23 -3.96 1.51 -1.14
CA HIS A 23 -4.68 2.56 -0.42
C HIS A 23 -6.17 2.24 -0.35
N TYR A 24 -6.66 2.02 0.86
CA TYR A 24 -8.08 1.71 1.06
C TYR A 24 -8.83 2.92 1.61
N LYS A 25 -9.76 3.42 0.82
CA LYS A 25 -10.56 4.58 1.21
C LYS A 25 -12.05 4.28 1.09
N SER A 26 -12.75 4.29 2.23
CA SER A 26 -14.18 4.01 2.25
C SER A 26 -14.91 5.03 3.11
N GLU A 27 -16.22 5.14 2.90
CA GLU A 27 -17.04 6.08 3.66
C GLU A 27 -17.28 5.56 5.07
N ASP A 28 -17.01 4.28 5.29
CA ASP A 28 -17.20 3.67 6.59
C ASP A 28 -15.87 3.49 7.31
N GLU A 29 -14.79 3.42 6.54
CA GLU A 29 -13.46 3.25 7.10
C GLU A 29 -12.39 3.68 6.10
N GLU A 30 -11.17 3.85 6.60
CA GLU A 30 -10.05 4.25 5.75
C GLU A 30 -8.71 3.82 6.36
N TYR A 31 -7.94 3.08 5.59
CA TYR A 31 -6.64 2.60 6.05
C TYR A 31 -5.72 2.30 4.87
N LYS A 32 -4.42 2.20 5.15
CA LYS A 32 -3.44 1.91 4.11
C LYS A 32 -2.39 0.93 4.61
N SER A 33 -2.08 -0.08 3.80
CA SER A 33 -1.10 -1.09 4.17
C SER A 33 -0.72 -1.94 2.97
N CYS A 34 0.54 -2.38 2.93
CA CYS A 34 1.03 -3.19 1.83
C CYS A 34 2.50 -3.54 2.03
N GLY A 35 3.13 -4.09 0.99
CA GLY A 35 4.52 -4.46 1.07
C GLY A 35 4.95 -5.36 -0.07
N ILE A 36 4.67 -6.65 0.07
CA ILE A 36 5.03 -7.63 -0.96
C ILE A 36 3.83 -7.98 -1.82
N GLN A 37 4.02 -7.94 -3.14
CA GLN A 37 2.95 -8.25 -4.08
C GLN A 37 2.29 -9.58 -3.73
N GLU A 38 3.07 -10.49 -3.16
CA GLU A 38 2.55 -11.80 -2.77
C GLU A 38 1.42 -11.66 -1.76
N GLU A 39 1.58 -10.72 -0.84
CA GLU A 39 0.57 -10.50 0.20
C GLU A 39 -0.51 -9.54 -0.30
N CYS A 40 -0.08 -8.48 -0.98
CA CYS A 40 -1.01 -7.49 -1.52
C CYS A 40 -1.94 -8.12 -2.54
N GLU A 41 -1.47 -9.17 -3.20
CA GLU A 41 -2.27 -9.86 -4.22
C GLU A 41 -3.13 -10.94 -3.57
N ASP A 42 -3.14 -10.97 -2.25
CA ASP A 42 -3.94 -11.96 -1.52
C ASP A 42 -5.43 -11.64 -1.61
N ALA A 43 -5.74 -10.38 -1.88
CA ALA A 43 -7.12 -9.94 -1.99
C ALA A 43 -7.75 -10.44 -3.29
N GLU A 44 -8.15 -11.71 -3.29
CA GLU A 44 -8.76 -12.31 -4.47
C GLU A 44 -9.94 -11.48 -4.96
N GLY A 45 -9.94 -11.16 -6.25
CA GLY A 45 -11.01 -10.36 -6.82
C GLY A 45 -10.66 -8.90 -6.91
N ALA A 46 -9.66 -8.48 -6.14
CA ALA A 46 -9.22 -7.09 -6.15
C ALA A 46 -7.92 -6.92 -6.93
N THR A 47 -7.67 -5.70 -7.38
CA THR A 47 -6.47 -5.40 -8.15
C THR A 47 -5.53 -4.46 -7.37
N VAL A 48 -4.29 -4.90 -7.19
CA VAL A 48 -3.31 -4.11 -6.47
C VAL A 48 -2.33 -3.44 -7.44
N LEU A 49 -2.30 -2.12 -7.42
CA LEU A 49 -1.42 -1.36 -8.29
C LEU A 49 -0.61 -0.34 -7.49
N CYS A 50 0.67 -0.22 -7.82
CA CYS A 50 1.55 0.73 -7.14
C CYS A 50 2.22 1.67 -8.14
N CYS A 51 2.50 2.89 -7.69
CA CYS A 51 3.14 3.88 -8.55
C CYS A 51 4.63 3.96 -8.26
N PRO A 52 5.42 4.32 -9.29
CA PRO A 52 6.88 4.44 -9.17
C PRO A 52 7.30 5.62 -8.32
N GLU A 53 6.33 6.46 -7.97
CA GLU A 53 6.60 7.64 -7.15
C GLU A 53 6.55 7.30 -5.66
N ASP A 54 6.75 8.30 -4.82
CA ASP A 54 6.74 8.11 -3.38
C ASP A 54 5.41 8.58 -2.78
N LEU A 55 4.87 7.79 -1.87
CA LEU A 55 3.60 8.12 -1.22
C LEU A 55 2.48 8.23 -2.26
N CYS A 56 2.21 7.13 -2.95
CA CYS A 56 1.17 7.11 -3.97
C CYS A 56 -0.10 6.46 -3.42
N ASN A 57 0.04 5.69 -2.35
CA ASN A 57 -1.08 5.01 -1.73
C ASN A 57 -1.52 5.73 -0.45
N LEU A 1 11.80 3.87 -1.20
CA LEU A 1 10.49 4.43 -1.51
C LEU A 1 9.74 4.80 -0.24
N GLN A 2 8.54 5.34 -0.40
CA GLN A 2 7.71 5.74 0.74
C GLN A 2 6.29 5.23 0.59
N CYS A 3 5.63 4.96 1.71
CA CYS A 3 4.26 4.46 1.69
C CYS A 3 3.43 5.14 2.77
N ASN A 4 2.16 5.36 2.49
CA ASN A 4 1.25 5.99 3.44
C ASN A 4 0.77 5.00 4.49
N THR A 5 0.26 5.52 5.61
CA THR A 5 -0.23 4.68 6.69
C THR A 5 -1.68 4.99 7.00
N LEU A 6 -2.34 4.08 7.72
CA LEU A 6 -3.73 4.26 8.09
C LEU A 6 -3.90 5.43 9.06
N ASP A 7 -2.84 5.74 9.79
CA ASP A 7 -2.86 6.84 10.75
C ASP A 7 -2.74 8.18 10.04
N GLY A 8 -2.54 8.13 8.72
CA GLY A 8 -2.41 9.35 7.95
C GLY A 8 -0.97 9.80 7.80
N GLY A 9 -0.07 9.14 8.54
CA GLY A 9 1.33 9.49 8.48
C GLY A 9 2.05 8.83 7.31
N THR A 10 3.34 9.12 7.17
CA THR A 10 4.14 8.55 6.09
C THR A 10 5.23 7.63 6.65
N GLU A 11 5.53 6.57 5.91
CA GLU A 11 6.55 5.61 6.33
C GLU A 11 7.51 5.32 5.18
N GLU A 12 8.77 5.06 5.51
CA GLU A 12 9.78 4.77 4.52
C GLU A 12 9.83 3.27 4.22
N CYS A 13 9.59 2.91 2.96
CA CYS A 13 9.60 1.52 2.55
C CYS A 13 10.91 1.18 1.84
N ILE A 14 11.72 0.35 2.48
CA ILE A 14 13.00 -0.06 1.90
C ILE A 14 12.80 -1.03 0.74
N PRO A 15 13.66 -0.92 -0.28
CA PRO A 15 13.60 -1.78 -1.46
C PRO A 15 14.00 -3.22 -1.15
N GLY A 16 13.27 -4.17 -1.73
CA GLY A 16 13.57 -5.57 -1.50
C GLY A 16 12.42 -6.31 -0.83
N ILE A 17 11.98 -5.80 0.31
CA ILE A 17 10.88 -6.41 1.05
C ILE A 17 9.54 -5.84 0.61
N TYR A 18 9.48 -4.53 0.44
CA TYR A 18 8.25 -3.87 0.02
C TYR A 18 8.41 -3.25 -1.36
N ASN A 19 7.72 -3.82 -2.35
CA ASN A 19 7.78 -3.33 -3.71
C ASN A 19 6.40 -2.89 -4.20
N VAL A 20 5.37 -3.27 -3.45
CA VAL A 20 4.00 -2.91 -3.80
C VAL A 20 3.38 -1.99 -2.75
N CYS A 21 2.18 -1.51 -3.03
CA CYS A 21 1.48 -0.62 -2.11
C CYS A 21 -0.02 -0.64 -2.38
N VAL A 22 -0.82 -0.57 -1.31
CA VAL A 22 -2.26 -0.58 -1.42
C VAL A 22 -2.89 0.48 -0.53
N HIS A 23 -3.91 1.17 -1.05
CA HIS A 23 -4.59 2.21 -0.30
C HIS A 23 -6.10 1.93 -0.21
N TYR A 24 -6.58 1.67 0.99
CA TYR A 24 -7.99 1.38 1.20
C TYR A 24 -8.72 2.59 1.77
N LYS A 25 -9.66 3.13 1.01
CA LYS A 25 -10.43 4.29 1.45
C LYS A 25 -11.92 4.02 1.32
N SER A 26 -12.62 4.01 2.45
CA SER A 26 -14.05 3.77 2.46
C SER A 26 -14.76 4.78 3.38
N GLU A 27 -16.06 4.92 3.18
CA GLU A 27 -16.86 5.84 3.98
C GLU A 27 -17.11 5.28 5.37
N ASP A 28 -16.86 3.99 5.54
CA ASP A 28 -17.06 3.32 6.82
C ASP A 28 -15.73 3.10 7.52
N GLU A 29 -14.66 3.03 6.75
CA GLU A 29 -13.33 2.82 7.30
C GLU A 29 -12.24 3.26 6.31
N GLU A 30 -11.02 3.40 6.81
CA GLU A 30 -9.90 3.81 5.97
C GLU A 30 -8.58 3.36 6.57
N TYR A 31 -7.80 2.62 5.77
CA TYR A 31 -6.51 2.11 6.22
C TYR A 31 -5.60 1.83 5.02
N LYS A 32 -4.30 1.70 5.30
CA LYS A 32 -3.32 1.43 4.25
C LYS A 32 -2.29 0.41 4.73
N SER A 33 -2.01 -0.58 3.88
CA SER A 33 -1.06 -1.63 4.22
C SER A 33 -0.69 -2.45 2.98
N CYS A 34 0.56 -2.88 2.91
CA CYS A 34 1.03 -3.68 1.78
C CYS A 34 2.50 -4.04 1.95
N GLY A 35 3.11 -4.55 0.89
CA GLY A 35 4.51 -4.93 0.93
C GLY A 35 4.94 -5.69 -0.30
N ILE A 36 4.56 -6.96 -0.37
CA ILE A 36 4.92 -7.80 -1.51
C ILE A 36 3.69 -8.16 -2.34
N GLN A 37 3.86 -8.18 -3.66
CA GLN A 37 2.77 -8.51 -4.56
C GLN A 37 2.08 -9.81 -4.15
N GLU A 38 2.85 -10.68 -3.49
CA GLU A 38 2.32 -11.96 -3.04
C GLU A 38 1.31 -11.77 -1.92
N GLU A 39 1.61 -10.83 -1.01
CA GLU A 39 0.73 -10.56 0.12
C GLU A 39 -0.35 -9.55 -0.28
N CYS A 40 -0.06 -8.74 -1.29
CA CYS A 40 -1.00 -7.73 -1.76
C CYS A 40 -2.03 -8.35 -2.70
N GLU A 41 -1.59 -9.33 -3.49
CA GLU A 41 -2.47 -10.00 -4.44
C GLU A 41 -3.57 -10.78 -3.70
N ASP A 42 -3.32 -11.08 -2.44
CA ASP A 42 -4.28 -11.82 -1.63
C ASP A 42 -5.66 -11.16 -1.69
N ALA A 43 -5.67 -9.84 -1.85
CA ALA A 43 -6.92 -9.09 -1.93
C ALA A 43 -7.73 -9.51 -3.14
N GLU A 44 -8.63 -10.47 -2.95
CA GLU A 44 -9.47 -10.96 -4.04
C GLU A 44 -10.63 -9.99 -4.31
N GLY A 45 -11.04 -9.91 -5.57
CA GLY A 45 -12.13 -9.02 -5.93
C GLY A 45 -11.64 -7.67 -6.39
N ALA A 46 -10.53 -7.21 -5.81
CA ALA A 46 -9.96 -5.92 -6.18
C ALA A 46 -8.56 -6.07 -6.75
N THR A 47 -8.15 -5.12 -7.59
CA THR A 47 -6.83 -5.16 -8.20
C THR A 47 -5.85 -4.29 -7.43
N VAL A 48 -4.61 -4.77 -7.31
CA VAL A 48 -3.58 -4.04 -6.60
C VAL A 48 -2.61 -3.37 -7.57
N LEU A 49 -2.54 -2.04 -7.50
CA LEU A 49 -1.66 -1.28 -8.37
C LEU A 49 -0.78 -0.33 -7.56
N CYS A 50 0.53 -0.35 -7.85
CA CYS A 50 1.47 0.50 -7.15
C CYS A 50 2.28 1.34 -8.14
N CYS A 51 2.67 2.54 -7.70
CA CYS A 51 3.44 3.44 -8.55
C CYS A 51 4.92 3.38 -8.20
N PRO A 52 5.78 3.66 -9.20
CA PRO A 52 7.23 3.63 -9.02
C PRO A 52 7.72 4.79 -8.15
N GLU A 53 6.83 5.72 -7.86
CA GLU A 53 7.17 6.88 -7.05
C GLU A 53 6.91 6.60 -5.56
N ASP A 54 7.17 7.60 -4.73
CA ASP A 54 6.96 7.47 -3.29
C ASP A 54 5.59 8.00 -2.88
N LEU A 55 4.99 7.37 -1.89
CA LEU A 55 3.68 7.78 -1.40
C LEU A 55 2.64 7.72 -2.52
N CYS A 56 2.38 6.52 -3.02
CA CYS A 56 1.42 6.32 -4.09
C CYS A 56 0.11 5.77 -3.53
N ASN A 57 0.17 5.18 -2.34
CA ASN A 57 -1.01 4.62 -1.70
C ASN A 57 -1.42 5.43 -0.49
N LEU A 1 11.84 4.68 -1.66
CA LEU A 1 10.38 4.57 -1.81
C LEU A 1 9.69 4.76 -0.46
N GLN A 2 8.52 5.40 -0.48
CA GLN A 2 7.76 5.63 0.74
C GLN A 2 6.30 5.21 0.55
N CYS A 3 5.68 4.78 1.64
CA CYS A 3 4.29 4.34 1.60
C CYS A 3 3.49 4.96 2.75
N ASN A 4 2.22 5.24 2.49
CA ASN A 4 1.35 5.84 3.49
C ASN A 4 0.94 4.81 4.54
N THR A 5 0.44 5.30 5.68
CA THR A 5 0.02 4.41 6.76
C THR A 5 -1.43 4.71 7.16
N LEU A 6 -2.08 3.70 7.72
CA LEU A 6 -3.48 3.85 8.16
C LEU A 6 -3.58 4.84 9.32
N ASP A 7 -2.47 5.04 10.03
CA ASP A 7 -2.44 5.96 11.15
C ASP A 7 -2.39 7.41 10.66
N GLY A 8 -2.28 7.58 9.35
CA GLY A 8 -2.23 8.92 8.79
C GLY A 8 -0.81 9.40 8.56
N GLY A 9 0.16 8.63 9.05
CA GLY A 9 1.55 9.00 8.89
C GLY A 9 2.18 8.34 7.68
N THR A 10 3.46 8.65 7.45
CA THR A 10 4.18 8.09 6.30
C THR A 10 5.28 7.13 6.77
N GLU A 11 5.50 6.08 5.99
CA GLU A 11 6.53 5.09 6.32
C GLU A 11 7.50 4.90 5.15
N GLU A 12 8.75 4.63 5.48
CA GLU A 12 9.78 4.42 4.46
C GLU A 12 9.82 2.97 4.02
N CYS A 13 9.53 2.73 2.74
CA CYS A 13 9.53 1.38 2.19
C CYS A 13 10.91 1.01 1.66
N ILE A 14 11.52 -0.01 2.25
CA ILE A 14 12.84 -0.47 1.84
C ILE A 14 12.80 -1.09 0.46
N PRO A 15 13.75 -0.71 -0.41
CA PRO A 15 13.83 -1.21 -1.77
C PRO A 15 14.27 -2.68 -1.82
N GLY A 16 13.33 -3.58 -1.53
CA GLY A 16 13.64 -5.00 -1.54
C GLY A 16 12.58 -5.82 -0.84
N ILE A 17 11.98 -5.25 0.20
CA ILE A 17 10.94 -5.95 0.96
C ILE A 17 9.56 -5.50 0.52
N TYR A 18 9.43 -4.23 0.18
CA TYR A 18 8.15 -3.68 -0.26
C TYR A 18 8.27 -3.08 -1.66
N ASN A 19 7.56 -3.67 -2.62
CA ASN A 19 7.57 -3.20 -4.00
C ASN A 19 6.18 -2.79 -4.44
N VAL A 20 5.17 -3.13 -3.64
CA VAL A 20 3.80 -2.78 -3.95
C VAL A 20 3.20 -1.83 -2.92
N CYS A 21 2.00 -1.36 -3.17
CA CYS A 21 1.32 -0.44 -2.27
C CYS A 21 -0.19 -0.43 -2.52
N VAL A 22 -0.96 -0.38 -1.43
CA VAL A 22 -2.41 -0.37 -1.54
C VAL A 22 -3.02 0.74 -0.68
N HIS A 23 -4.02 1.42 -1.22
CA HIS A 23 -4.68 2.51 -0.49
C HIS A 23 -6.19 2.26 -0.41
N TYR A 24 -6.68 2.02 0.80
CA TYR A 24 -8.09 1.77 1.02
C TYR A 24 -8.79 3.00 1.60
N LYS A 25 -9.71 3.56 0.84
CA LYS A 25 -10.44 4.75 1.27
C LYS A 25 -11.95 4.52 1.15
N SER A 26 -12.63 4.53 2.29
CA SER A 26 -14.08 4.33 2.31
C SER A 26 -14.75 5.36 3.22
N GLU A 27 -16.05 5.54 3.01
CA GLU A 27 -16.82 6.50 3.80
C GLU A 27 -17.08 5.97 5.21
N ASP A 28 -16.86 4.67 5.39
CA ASP A 28 -17.07 4.03 6.68
C ASP A 28 -15.75 3.78 7.39
N GLU A 29 -14.68 3.67 6.61
CA GLU A 29 -13.35 3.43 7.16
C GLU A 29 -12.26 3.83 6.15
N GLU A 30 -11.03 3.93 6.64
CA GLU A 30 -9.91 4.31 5.79
C GLU A 30 -8.59 3.81 6.38
N TYR A 31 -7.85 3.05 5.58
CA TYR A 31 -6.57 2.50 6.03
C TYR A 31 -5.68 2.17 4.84
N LYS A 32 -4.38 2.02 5.10
CA LYS A 32 -3.42 1.70 4.06
C LYS A 32 -2.38 0.69 4.55
N SER A 33 -2.12 -0.31 3.73
CA SER A 33 -1.15 -1.34 4.08
C SER A 33 -0.79 -2.20 2.87
N CYS A 34 0.47 -2.62 2.79
CA CYS A 34 0.95 -3.43 1.68
C CYS A 34 2.43 -3.76 1.84
N GLY A 35 3.03 -4.30 0.79
CA GLY A 35 4.44 -4.65 0.84
C GLY A 35 4.88 -5.45 -0.36
N ILE A 36 4.57 -6.74 -0.36
CA ILE A 36 4.94 -7.62 -1.46
C ILE A 36 3.72 -8.03 -2.28
N GLN A 37 3.86 -8.01 -3.59
CA GLN A 37 2.77 -8.37 -4.49
C GLN A 37 2.16 -9.70 -4.09
N GLU A 38 2.98 -10.58 -3.52
CA GLU A 38 2.53 -11.89 -3.09
C GLU A 38 1.50 -11.78 -1.96
N GLU A 39 1.73 -10.83 -1.06
CA GLU A 39 0.82 -10.61 0.06
C GLU A 39 -0.33 -9.70 -0.33
N CYS A 40 -0.01 -8.63 -1.06
CA CYS A 40 -1.02 -7.68 -1.52
C CYS A 40 -2.08 -8.37 -2.37
N GLU A 41 -1.73 -9.52 -2.93
CA GLU A 41 -2.64 -10.28 -3.76
C GLU A 41 -3.76 -10.91 -2.93
N ASP A 42 -3.62 -10.81 -1.62
CA ASP A 42 -4.62 -11.36 -0.70
C ASP A 42 -6.03 -10.89 -1.08
N ALA A 43 -6.11 -9.69 -1.64
CA ALA A 43 -7.39 -9.11 -2.05
C ALA A 43 -7.95 -9.86 -3.25
N GLU A 44 -8.64 -10.97 -3.00
CA GLU A 44 -9.23 -11.76 -4.07
C GLU A 44 -10.30 -10.97 -4.80
N GLY A 45 -10.24 -10.99 -6.13
CA GLY A 45 -11.22 -10.27 -6.93
C GLY A 45 -10.80 -8.84 -7.21
N ALA A 46 -9.78 -8.38 -6.50
CA ALA A 46 -9.28 -7.01 -6.67
C ALA A 46 -7.90 -7.02 -7.33
N THR A 47 -7.52 -5.88 -7.90
CA THR A 47 -6.23 -5.74 -8.56
C THR A 47 -5.28 -4.88 -7.74
N VAL A 48 -4.01 -5.26 -7.71
CA VAL A 48 -3.01 -4.51 -6.97
C VAL A 48 -2.08 -3.75 -7.91
N LEU A 49 -2.10 -2.42 -7.81
CA LEU A 49 -1.25 -1.59 -8.65
C LEU A 49 -0.47 -0.58 -7.81
N CYS A 50 0.83 -0.49 -8.07
CA CYS A 50 1.69 0.44 -7.34
C CYS A 50 2.44 1.36 -8.30
N CYS A 51 2.73 2.57 -7.85
CA CYS A 51 3.44 3.55 -8.66
C CYS A 51 4.92 3.59 -8.30
N PRO A 52 5.77 3.90 -9.28
CA PRO A 52 7.23 3.98 -9.10
C PRO A 52 7.63 5.17 -8.23
N GLU A 53 6.68 6.04 -7.95
CA GLU A 53 6.94 7.22 -7.13
C GLU A 53 6.81 6.89 -5.65
N ASP A 54 7.00 7.89 -4.80
CA ASP A 54 6.88 7.72 -3.35
C ASP A 54 5.56 8.25 -2.85
N LEU A 55 4.96 7.52 -1.90
CA LEU A 55 3.68 7.91 -1.32
C LEU A 55 2.60 8.01 -2.41
N CYS A 56 2.36 6.91 -3.10
CA CYS A 56 1.36 6.88 -4.17
C CYS A 56 0.05 6.27 -3.66
N ASN A 57 0.15 5.52 -2.56
CA ASN A 57 -1.03 4.88 -1.98
C ASN A 57 -1.50 5.63 -0.74
N LEU A 1 11.88 4.56 -1.92
CA LEU A 1 10.43 4.60 -2.08
C LEU A 1 9.75 4.83 -0.73
N GLN A 2 8.59 5.49 -0.77
CA GLN A 2 7.84 5.77 0.45
C GLN A 2 6.38 5.36 0.30
N CYS A 3 5.75 4.99 1.41
CA CYS A 3 4.35 4.57 1.40
C CYS A 3 3.58 5.22 2.55
N ASN A 4 2.29 5.45 2.34
CA ASN A 4 1.45 6.05 3.36
C ASN A 4 1.05 5.04 4.42
N THR A 5 0.60 5.53 5.57
CA THR A 5 0.20 4.66 6.66
C THR A 5 -1.24 4.96 7.10
N LEU A 6 -1.89 3.96 7.68
CA LEU A 6 -3.27 4.13 8.15
C LEU A 6 -3.34 5.11 9.31
N ASP A 7 -2.21 5.32 9.97
CA ASP A 7 -2.14 6.24 11.10
C ASP A 7 -2.11 7.68 10.61
N GLY A 8 -2.04 7.87 9.30
CA GLY A 8 -2.00 9.20 8.73
C GLY A 8 -0.58 9.68 8.48
N GLY A 9 0.39 8.92 8.96
CA GLY A 9 1.79 9.29 8.78
C GLY A 9 2.41 8.63 7.56
N THR A 10 3.67 8.94 7.30
CA THR A 10 4.38 8.37 6.16
C THR A 10 5.44 7.36 6.61
N GLU A 11 5.63 6.31 5.81
CA GLU A 11 6.60 5.28 6.13
C GLU A 11 7.54 5.03 4.95
N GLU A 12 8.79 4.69 5.25
CA GLU A 12 9.78 4.43 4.21
C GLU A 12 9.75 2.97 3.80
N CYS A 13 9.55 2.73 2.50
CA CYS A 13 9.51 1.38 1.97
C CYS A 13 10.82 1.02 1.27
N ILE A 14 11.55 0.09 1.87
CA ILE A 14 12.83 -0.35 1.31
C ILE A 14 12.63 -1.31 0.14
N PRO A 15 13.50 -1.21 -0.87
CA PRO A 15 13.43 -2.07 -2.05
C PRO A 15 13.80 -3.51 -1.75
N GLY A 16 12.85 -4.25 -1.17
CA GLY A 16 13.11 -5.64 -0.83
C GLY A 16 11.87 -6.34 -0.33
N ILE A 17 11.39 -5.95 0.84
CA ILE A 17 10.20 -6.55 1.43
C ILE A 17 8.94 -5.77 1.05
N TYR A 18 9.08 -4.46 0.89
CA TYR A 18 7.97 -3.61 0.52
C TYR A 18 8.19 -2.97 -0.85
N ASN A 19 7.69 -3.65 -1.89
CA ASN A 19 7.83 -3.15 -3.25
C ASN A 19 6.48 -2.71 -3.81
N VAL A 20 5.40 -3.08 -3.12
CA VAL A 20 4.06 -2.72 -3.53
C VAL A 20 3.40 -1.79 -2.53
N CYS A 21 2.20 -1.30 -2.88
CA CYS A 21 1.46 -0.40 -2.00
C CYS A 21 -0.03 -0.45 -2.30
N VAL A 22 -0.84 -0.34 -1.26
CA VAL A 22 -2.30 -0.37 -1.42
C VAL A 22 -2.96 0.72 -0.61
N HIS A 23 -3.96 1.37 -1.19
CA HIS A 23 -4.69 2.45 -0.52
C HIS A 23 -6.18 2.12 -0.43
N TYR A 24 -6.65 1.89 0.79
CA TYR A 24 -8.06 1.57 1.00
C TYR A 24 -8.81 2.78 1.56
N LYS A 25 -9.77 3.28 0.79
CA LYS A 25 -10.57 4.43 1.20
C LYS A 25 -12.05 4.13 1.09
N SER A 26 -12.74 4.11 2.22
CA SER A 26 -14.17 3.84 2.25
C SER A 26 -14.91 4.86 3.12
N GLU A 27 -16.21 4.97 2.92
CA GLU A 27 -17.03 5.91 3.68
C GLU A 27 -17.27 5.40 5.10
N ASP A 28 -16.99 4.12 5.31
CA ASP A 28 -17.18 3.51 6.62
C ASP A 28 -15.83 3.36 7.34
N GLU A 29 -14.75 3.28 6.56
CA GLU A 29 -13.42 3.12 7.12
C GLU A 29 -12.35 3.55 6.11
N GLU A 30 -11.12 3.72 6.60
CA GLU A 30 -10.02 4.13 5.74
C GLU A 30 -8.68 3.71 6.34
N TYR A 31 -7.90 2.95 5.58
CA TYR A 31 -6.61 2.48 6.03
C TYR A 31 -5.69 2.16 4.85
N LYS A 32 -4.40 2.06 5.12
CA LYS A 32 -3.42 1.77 4.08
C LYS A 32 -2.35 0.81 4.60
N SER A 33 -2.05 -0.22 3.81
CA SER A 33 -1.05 -1.21 4.19
C SER A 33 -0.67 -2.09 3.00
N CYS A 34 0.58 -2.53 2.97
CA CYS A 34 1.06 -3.38 1.89
C CYS A 34 2.53 -3.73 2.10
N GLY A 35 3.15 -4.32 1.07
CA GLY A 35 4.54 -4.70 1.16
C GLY A 35 4.98 -5.58 0.00
N ILE A 36 4.64 -6.86 0.07
CA ILE A 36 5.01 -7.81 -0.98
C ILE A 36 3.80 -8.17 -1.84
N GLN A 37 3.98 -8.13 -3.15
CA GLN A 37 2.91 -8.46 -4.08
C GLN A 37 2.25 -9.78 -3.70
N GLU A 38 3.02 -10.68 -3.12
CA GLU A 38 2.50 -11.98 -2.71
C GLU A 38 1.40 -11.83 -1.68
N GLU A 39 1.57 -10.88 -0.77
CA GLU A 39 0.59 -10.63 0.28
C GLU A 39 -0.50 -9.69 -0.21
N CYS A 40 -0.09 -8.65 -0.94
CA CYS A 40 -1.03 -7.67 -1.47
C CYS A 40 -2.00 -8.32 -2.45
N GLU A 41 -1.50 -9.30 -3.21
CA GLU A 41 -2.31 -9.99 -4.19
C GLU A 41 -3.25 -10.99 -3.51
N ASP A 42 -2.98 -11.29 -2.25
CA ASP A 42 -3.79 -12.22 -1.48
C ASP A 42 -5.27 -11.83 -1.57
N ALA A 43 -5.54 -10.54 -1.71
CA ALA A 43 -6.90 -10.05 -1.80
C ALA A 43 -7.58 -10.55 -3.07
N GLU A 44 -8.75 -11.18 -2.92
CA GLU A 44 -9.49 -11.70 -4.05
C GLU A 44 -10.52 -10.69 -4.54
N GLY A 45 -10.52 -10.44 -5.84
CA GLY A 45 -11.46 -9.49 -6.41
C GLY A 45 -10.82 -8.14 -6.70
N ALA A 46 -10.36 -7.48 -5.64
CA ALA A 46 -9.72 -6.17 -5.78
C ALA A 46 -8.37 -6.29 -6.46
N THR A 47 -7.93 -5.21 -7.09
CA THR A 47 -6.64 -5.20 -7.78
C THR A 47 -5.63 -4.32 -7.05
N VAL A 48 -4.38 -4.76 -7.01
CA VAL A 48 -3.33 -4.01 -6.35
C VAL A 48 -2.44 -3.29 -7.37
N LEU A 49 -2.42 -1.97 -7.27
CA LEU A 49 -1.62 -1.15 -8.17
C LEU A 49 -0.72 -0.18 -7.40
N CYS A 50 0.55 -0.13 -7.78
CA CYS A 50 1.50 0.76 -7.12
C CYS A 50 2.17 1.68 -8.13
N CYS A 51 2.52 2.89 -7.69
CA CYS A 51 3.17 3.87 -8.55
C CYS A 51 4.67 3.90 -8.30
N PRO A 52 5.44 4.25 -9.35
CA PRO A 52 6.91 4.31 -9.26
C PRO A 52 7.38 5.48 -8.40
N GLU A 53 6.45 6.35 -8.03
CA GLU A 53 6.78 7.51 -7.21
C GLU A 53 6.65 7.18 -5.73
N ASP A 54 6.88 8.17 -4.88
CA ASP A 54 6.80 7.99 -3.44
C ASP A 54 5.45 8.44 -2.91
N LEU A 55 4.93 7.74 -1.90
CA LEU A 55 3.65 8.07 -1.31
C LEU A 55 2.54 8.03 -2.35
N CYS A 56 2.29 6.84 -2.90
CA CYS A 56 1.26 6.67 -3.91
C CYS A 56 -0.01 6.08 -3.30
N ASN A 57 0.14 5.46 -2.13
CA ASN A 57 -1.00 4.85 -1.45
C ASN A 57 -1.33 5.63 -0.17
N LEU A 1 11.81 4.96 -1.80
CA LEU A 1 10.36 4.80 -1.91
C LEU A 1 9.69 4.95 -0.55
N GLN A 2 8.51 5.57 -0.55
CA GLN A 2 7.77 5.78 0.69
C GLN A 2 6.32 5.32 0.53
N CYS A 3 5.72 4.88 1.63
CA CYS A 3 4.34 4.42 1.61
C CYS A 3 3.56 5.02 2.78
N ASN A 4 2.27 5.25 2.55
CA ASN A 4 1.41 5.83 3.58
C ASN A 4 1.01 4.77 4.61
N THR A 5 0.56 5.22 5.78
CA THR A 5 0.16 4.31 6.84
C THR A 5 -1.27 4.59 7.29
N LEU A 6 -1.94 3.58 7.81
CA LEU A 6 -3.32 3.71 8.27
C LEU A 6 -3.40 4.63 9.49
N ASP A 7 -2.26 4.80 10.16
CA ASP A 7 -2.20 5.66 11.33
C ASP A 7 -2.18 7.13 10.94
N GLY A 8 -2.11 7.38 9.63
CA GLY A 8 -2.08 8.75 9.15
C GLY A 8 -0.67 9.24 8.88
N GLY A 9 0.32 8.45 9.30
CA GLY A 9 1.70 8.83 9.12
C GLY A 9 2.31 8.22 7.87
N THR A 10 3.57 8.54 7.61
CA THR A 10 4.27 8.02 6.44
C THR A 10 5.39 7.07 6.84
N GLU A 11 5.60 6.03 6.03
CA GLU A 11 6.64 5.05 6.31
C GLU A 11 7.61 4.95 5.13
N GLU A 12 8.88 4.68 5.44
CA GLU A 12 9.91 4.56 4.42
C GLU A 12 10.01 3.13 3.91
N CYS A 13 9.66 2.94 2.64
CA CYS A 13 9.70 1.62 2.03
C CYS A 13 11.07 1.35 1.41
N ILE A 14 11.58 0.14 1.62
CA ILE A 14 12.89 -0.24 1.08
C ILE A 14 12.73 -1.30 -0.01
N PRO A 15 13.60 -1.21 -1.04
CA PRO A 15 13.59 -2.16 -2.15
C PRO A 15 14.05 -3.56 -1.75
N GLY A 16 13.10 -4.47 -1.57
CA GLY A 16 13.44 -5.82 -1.18
C GLY A 16 12.34 -6.47 -0.36
N ILE A 17 11.78 -5.71 0.58
CA ILE A 17 10.72 -6.22 1.44
C ILE A 17 9.37 -5.65 1.04
N TYR A 18 9.37 -4.42 0.53
CA TYR A 18 8.15 -3.75 0.12
C TYR A 18 8.30 -3.15 -1.28
N ASN A 19 7.62 -3.75 -2.25
CA ASN A 19 7.67 -3.27 -3.63
C ASN A 19 6.29 -2.84 -4.11
N VAL A 20 5.26 -3.22 -3.36
CA VAL A 20 3.89 -2.89 -3.71
C VAL A 20 3.27 -1.95 -2.68
N CYS A 21 2.10 -1.41 -3.00
CA CYS A 21 1.40 -0.50 -2.09
C CYS A 21 -0.10 -0.53 -2.36
N VAL A 22 -0.89 -0.45 -1.29
CA VAL A 22 -2.35 -0.45 -1.41
C VAL A 22 -2.97 0.63 -0.54
N HIS A 23 -3.98 1.30 -1.07
CA HIS A 23 -4.67 2.36 -0.34
C HIS A 23 -6.17 2.08 -0.28
N TYR A 24 -6.68 1.86 0.93
CA TYR A 24 -8.10 1.58 1.12
C TYR A 24 -8.82 2.81 1.66
N LYS A 25 -9.75 3.34 0.86
CA LYS A 25 -10.51 4.51 1.25
C LYS A 25 -12.01 4.26 1.13
N SER A 26 -12.70 4.29 2.26
CA SER A 26 -14.14 4.05 2.29
C SER A 26 -14.85 5.09 3.15
N GLU A 27 -16.16 5.22 2.95
CA GLU A 27 -16.95 6.18 3.70
C GLU A 27 -17.20 5.69 5.12
N ASP A 28 -16.94 4.40 5.34
CA ASP A 28 -17.14 3.79 6.65
C ASP A 28 -15.80 3.61 7.37
N GLU A 29 -14.73 3.50 6.59
CA GLU A 29 -13.40 3.31 7.15
C GLU A 29 -12.32 3.71 6.14
N GLU A 30 -11.10 3.86 6.62
CA GLU A 30 -9.98 4.23 5.76
C GLU A 30 -8.65 3.79 6.37
N TYR A 31 -7.89 3.02 5.60
CA TYR A 31 -6.59 2.53 6.07
C TYR A 31 -5.68 2.18 4.89
N LYS A 32 -4.39 2.07 5.17
CA LYS A 32 -3.41 1.75 4.12
C LYS A 32 -2.39 0.75 4.64
N SER A 33 -2.11 -0.28 3.85
CA SER A 33 -1.14 -1.31 4.23
C SER A 33 -0.79 -2.19 3.03
N CYS A 34 0.47 -2.61 2.97
CA CYS A 34 0.94 -3.45 1.88
C CYS A 34 2.42 -3.79 2.05
N GLY A 35 3.02 -4.35 1.01
CA GLY A 35 4.43 -4.70 1.06
C GLY A 35 4.86 -5.54 -0.13
N ILE A 36 4.50 -6.82 -0.11
CA ILE A 36 4.85 -7.73 -1.20
C ILE A 36 3.63 -8.10 -2.03
N GLN A 37 3.80 -8.15 -3.34
CA GLN A 37 2.72 -8.50 -4.25
C GLN A 37 2.04 -9.79 -3.80
N GLU A 38 2.78 -10.66 -3.13
CA GLU A 38 2.26 -11.92 -2.65
C GLU A 38 1.22 -11.70 -1.55
N GLU A 39 1.49 -10.74 -0.68
CA GLU A 39 0.58 -10.42 0.42
C GLU A 39 -0.50 -9.45 -0.03
N CYS A 40 -0.18 -8.65 -1.04
CA CYS A 40 -1.13 -7.67 -1.57
C CYS A 40 -2.13 -8.33 -2.51
N GLU A 41 -1.66 -9.33 -3.25
CA GLU A 41 -2.51 -10.04 -4.19
C GLU A 41 -3.51 -10.93 -3.47
N ASP A 42 -3.25 -11.18 -2.19
CA ASP A 42 -4.13 -12.02 -1.37
C ASP A 42 -5.57 -11.54 -1.47
N ALA A 43 -5.75 -10.24 -1.70
CA ALA A 43 -7.08 -9.66 -1.81
C ALA A 43 -7.77 -10.10 -3.11
N GLU A 44 -8.36 -11.28 -3.07
CA GLU A 44 -9.04 -11.82 -4.24
C GLU A 44 -10.24 -10.95 -4.62
N GLY A 45 -10.35 -10.63 -5.90
CA GLY A 45 -11.45 -9.80 -6.37
C GLY A 45 -11.02 -8.37 -6.66
N ALA A 46 -10.11 -7.86 -5.83
CA ALA A 46 -9.62 -6.50 -6.00
C ALA A 46 -8.29 -6.47 -6.75
N THR A 47 -7.97 -5.33 -7.33
CA THR A 47 -6.72 -5.18 -8.08
C THR A 47 -5.72 -4.32 -7.33
N VAL A 48 -4.48 -4.79 -7.23
CA VAL A 48 -3.43 -4.05 -6.54
C VAL A 48 -2.50 -3.36 -7.53
N LEU A 49 -2.45 -2.03 -7.45
CA LEU A 49 -1.60 -1.25 -8.35
C LEU A 49 -0.73 -0.28 -7.55
N CYS A 50 0.56 -0.24 -7.89
CA CYS A 50 1.50 0.64 -7.21
C CYS A 50 2.21 1.55 -8.20
N CYS A 51 2.55 2.76 -7.77
CA CYS A 51 3.23 3.72 -8.62
C CYS A 51 4.73 3.75 -8.32
N PRO A 52 5.53 4.09 -9.34
CA PRO A 52 6.99 4.16 -9.21
C PRO A 52 7.44 5.33 -8.34
N GLU A 53 6.49 6.19 -7.99
CA GLU A 53 6.79 7.36 -7.16
C GLU A 53 6.65 7.02 -5.68
N ASP A 54 6.86 8.02 -4.83
CA ASP A 54 6.76 7.84 -3.39
C ASP A 54 5.41 8.32 -2.88
N LEU A 55 4.87 7.61 -1.89
CA LEU A 55 3.58 7.97 -1.31
C LEU A 55 2.49 7.96 -2.37
N CYS A 56 2.26 6.80 -2.98
CA CYS A 56 1.24 6.67 -4.01
C CYS A 56 -0.04 6.05 -3.44
N ASN A 57 0.10 5.38 -2.29
CA ASN A 57 -1.04 4.75 -1.65
C ASN A 57 -1.47 5.53 -0.41
N LEU A 1 11.86 4.25 -1.03
CA LEU A 1 10.48 4.63 -1.32
C LEU A 1 9.70 4.91 -0.04
N GLN A 2 8.50 5.47 -0.20
CA GLN A 2 7.66 5.79 0.95
C GLN A 2 6.23 5.30 0.72
N CYS A 3 5.54 4.97 1.82
CA CYS A 3 4.17 4.49 1.74
C CYS A 3 3.30 5.15 2.82
N ASN A 4 2.05 5.43 2.47
CA ASN A 4 1.12 6.05 3.40
C ASN A 4 0.61 5.03 4.43
N THR A 5 0.20 5.54 5.58
CA THR A 5 -0.32 4.68 6.65
C THR A 5 -1.76 5.02 7.00
N LEU A 6 -2.42 4.14 7.73
CA LEU A 6 -3.80 4.36 8.14
C LEU A 6 -3.91 5.54 9.10
N ASP A 7 -2.80 5.84 9.78
CA ASP A 7 -2.78 6.95 10.73
C ASP A 7 -2.69 8.28 10.01
N GLY A 8 -2.55 8.23 8.68
CA GLY A 8 -2.45 9.44 7.89
C GLY A 8 -1.02 9.91 7.73
N GLY A 9 -0.10 9.24 8.40
CA GLY A 9 1.30 9.62 8.31
C GLY A 9 2.02 8.91 7.18
N THR A 10 3.31 9.21 7.02
CA THR A 10 4.11 8.61 5.97
C THR A 10 5.19 7.71 6.55
N GLU A 11 5.49 6.61 5.86
CA GLU A 11 6.50 5.67 6.30
C GLU A 11 7.50 5.38 5.19
N GLU A 12 8.75 5.14 5.57
CA GLU A 12 9.81 4.85 4.61
C GLU A 12 9.89 3.36 4.32
N CYS A 13 9.49 2.97 3.12
CA CYS A 13 9.51 1.57 2.72
C CYS A 13 10.82 1.23 2.01
N ILE A 14 11.64 0.41 2.67
CA ILE A 14 12.93 0.00 2.11
C ILE A 14 12.74 -0.93 0.93
N PRO A 15 13.61 -0.79 -0.08
CA PRO A 15 13.56 -1.62 -1.29
C PRO A 15 13.95 -3.06 -1.03
N GLY A 16 13.46 -3.97 -1.86
CA GLY A 16 13.78 -5.38 -1.69
C GLY A 16 12.65 -6.16 -1.05
N ILE A 17 12.15 -5.64 0.07
CA ILE A 17 11.06 -6.30 0.79
C ILE A 17 9.70 -5.86 0.24
N TYR A 18 9.35 -4.60 0.47
CA TYR A 18 8.08 -4.06 0.01
C TYR A 18 8.23 -3.42 -1.36
N ASN A 19 7.52 -3.96 -2.34
CA ASN A 19 7.58 -3.44 -3.71
C ASN A 19 6.19 -2.99 -4.17
N VAL A 20 5.17 -3.34 -3.40
CA VAL A 20 3.80 -2.96 -3.73
C VAL A 20 3.21 -2.03 -2.68
N CYS A 21 2.01 -1.53 -2.94
CA CYS A 21 1.34 -0.63 -2.01
C CYS A 21 -0.16 -0.60 -2.28
N VAL A 22 -0.95 -0.58 -1.20
CA VAL A 22 -2.40 -0.54 -1.32
C VAL A 22 -3.00 0.55 -0.44
N HIS A 23 -4.00 1.25 -0.96
CA HIS A 23 -4.65 2.32 -0.23
C HIS A 23 -6.16 2.09 -0.16
N TYR A 24 -6.65 1.80 1.04
CA TYR A 24 -8.08 1.55 1.24
C TYR A 24 -8.76 2.77 1.86
N LYS A 25 -9.68 3.36 1.10
CA LYS A 25 -10.41 4.54 1.57
C LYS A 25 -11.92 4.34 1.44
N SER A 26 -12.61 4.31 2.57
CA SER A 26 -14.06 4.12 2.56
C SER A 26 -14.74 5.12 3.49
N GLU A 27 -16.03 5.32 3.30
CA GLU A 27 -16.80 6.25 4.12
C GLU A 27 -17.07 5.66 5.50
N ASP A 28 -16.86 4.36 5.63
CA ASP A 28 -17.09 3.67 6.90
C ASP A 28 -15.76 3.38 7.61
N GLU A 29 -14.69 3.30 6.82
CA GLU A 29 -13.36 3.03 7.38
C GLU A 29 -12.27 3.46 6.39
N GLU A 30 -11.04 3.53 6.89
CA GLU A 30 -9.91 3.93 6.05
C GLU A 30 -8.59 3.41 6.64
N TYR A 31 -7.86 2.66 5.82
CA TYR A 31 -6.58 2.10 6.26
C TYR A 31 -5.68 1.81 5.06
N LYS A 32 -4.39 1.64 5.32
CA LYS A 32 -3.42 1.35 4.27
C LYS A 32 -2.41 0.31 4.73
N SER A 33 -2.14 -0.67 3.87
CA SER A 33 -1.20 -1.72 4.19
C SER A 33 -0.83 -2.52 2.94
N CYS A 34 0.39 -3.03 2.91
CA CYS A 34 0.87 -3.82 1.78
C CYS A 34 2.31 -4.28 2.00
N GLY A 35 2.93 -4.81 0.94
CA GLY A 35 4.30 -5.28 1.05
C GLY A 35 4.80 -5.87 -0.26
N ILE A 36 4.51 -7.14 -0.48
CA ILE A 36 4.95 -7.83 -1.70
C ILE A 36 3.75 -8.17 -2.58
N GLN A 37 4.02 -8.35 -3.88
CA GLN A 37 2.98 -8.70 -4.83
C GLN A 37 2.20 -9.92 -4.36
N GLU A 38 2.86 -10.80 -3.63
CA GLU A 38 2.23 -12.02 -3.13
C GLU A 38 1.32 -11.71 -1.94
N GLU A 39 1.66 -10.67 -1.20
CA GLU A 39 0.88 -10.27 -0.04
C GLU A 39 -0.28 -9.34 -0.45
N CYS A 40 -0.02 -8.51 -1.45
CA CYS A 40 -1.04 -7.57 -1.94
C CYS A 40 -2.06 -8.29 -2.81
N GLU A 41 -1.59 -9.28 -3.57
CA GLU A 41 -2.47 -10.04 -4.45
C GLU A 41 -3.52 -10.80 -3.64
N ASP A 42 -3.22 -11.06 -2.37
CA ASP A 42 -4.13 -11.78 -1.49
C ASP A 42 -5.51 -11.13 -1.51
N ALA A 43 -5.55 -9.82 -1.73
CA ALA A 43 -6.80 -9.09 -1.77
C ALA A 43 -7.63 -9.47 -3.00
N GLU A 44 -8.42 -10.53 -2.86
CA GLU A 44 -9.26 -11.00 -3.95
C GLU A 44 -10.38 -10.01 -4.25
N GLY A 45 -10.77 -9.94 -5.52
CA GLY A 45 -11.83 -9.02 -5.92
C GLY A 45 -11.29 -7.82 -6.67
N ALA A 46 -10.74 -6.86 -5.95
CA ALA A 46 -10.19 -5.66 -6.56
C ALA A 46 -8.74 -5.87 -6.99
N THR A 47 -8.32 -5.11 -8.00
CA THR A 47 -6.94 -5.22 -8.51
C THR A 47 -6.00 -4.33 -7.72
N VAL A 48 -4.79 -4.84 -7.46
CA VAL A 48 -3.79 -4.10 -6.71
C VAL A 48 -2.72 -3.53 -7.64
N LEU A 49 -2.60 -2.21 -7.66
CA LEU A 49 -1.62 -1.54 -8.51
C LEU A 49 -0.77 -0.56 -7.70
N CYS A 50 0.55 -0.63 -7.89
CA CYS A 50 1.46 0.26 -7.17
C CYS A 50 2.31 1.06 -8.15
N CYS A 51 2.68 2.27 -7.75
CA CYS A 51 3.50 3.14 -8.59
C CYS A 51 4.96 3.09 -8.16
N PRO A 52 5.87 3.29 -9.13
CA PRO A 52 7.31 3.28 -8.88
C PRO A 52 7.77 4.48 -8.06
N GLU A 53 6.88 5.45 -7.90
CA GLU A 53 7.20 6.65 -7.12
C GLU A 53 6.94 6.43 -5.64
N ASP A 54 7.17 7.47 -4.85
CA ASP A 54 6.96 7.39 -3.41
C ASP A 54 5.59 7.93 -3.02
N LEU A 55 4.98 7.32 -2.00
CA LEU A 55 3.66 7.75 -1.54
C LEU A 55 2.64 7.65 -2.66
N CYS A 56 2.41 6.44 -3.15
CA CYS A 56 1.45 6.21 -4.23
C CYS A 56 0.13 5.68 -3.67
N ASN A 57 0.18 5.14 -2.47
CA ASN A 57 -1.01 4.58 -1.82
C ASN A 57 -1.43 5.46 -0.64
N LEU A 1 11.71 4.61 -1.89
CA LEU A 1 10.26 4.64 -2.03
C LEU A 1 9.58 4.85 -0.68
N GLN A 2 8.42 5.50 -0.71
CA GLN A 2 7.67 5.78 0.51
C GLN A 2 6.20 5.37 0.35
N CYS A 3 5.59 4.96 1.45
CA CYS A 3 4.19 4.55 1.44
C CYS A 3 3.43 5.15 2.61
N ASN A 4 2.15 5.46 2.39
CA ASN A 4 1.32 6.05 3.43
C ASN A 4 0.93 5.00 4.48
N THR A 5 0.51 5.47 5.65
CA THR A 5 0.12 4.56 6.73
C THR A 5 -1.31 4.87 7.19
N LEU A 6 -1.97 3.86 7.76
CA LEU A 6 -3.32 4.01 8.24
C LEU A 6 -3.38 4.98 9.43
N ASP A 7 -2.24 5.16 10.09
CA ASP A 7 -2.15 6.06 11.23
C ASP A 7 -2.11 7.51 10.78
N GLY A 8 -2.06 7.72 9.47
CA GLY A 8 -2.02 9.06 8.93
C GLY A 8 -0.61 9.54 8.66
N GLY A 9 0.37 8.76 9.09
CA GLY A 9 1.77 9.11 8.90
C GLY A 9 2.35 8.48 7.65
N THR A 10 3.62 8.77 7.38
CA THR A 10 4.29 8.23 6.21
C THR A 10 5.40 7.25 6.62
N GLU A 11 5.58 6.20 5.83
CA GLU A 11 6.60 5.19 6.11
C GLU A 11 7.53 5.01 4.92
N GLU A 12 8.79 4.72 5.19
CA GLU A 12 9.78 4.51 4.14
C GLU A 12 9.81 3.05 3.69
N CYS A 13 9.41 2.81 2.45
CA CYS A 13 9.38 1.47 1.90
C CYS A 13 10.70 1.13 1.21
N ILE A 14 11.46 0.21 1.80
CA ILE A 14 12.74 -0.20 1.25
C ILE A 14 12.55 -1.16 0.06
N PRO A 15 13.43 -1.03 -0.94
CA PRO A 15 13.38 -1.87 -2.14
C PRO A 15 13.77 -3.31 -1.85
N GLY A 16 12.84 -4.07 -1.27
CA GLY A 16 13.10 -5.46 -0.96
C GLY A 16 11.87 -6.19 -0.46
N ILE A 17 11.40 -5.81 0.73
CA ILE A 17 10.21 -6.44 1.31
C ILE A 17 8.95 -5.67 0.94
N TYR A 18 9.09 -4.36 0.74
CA TYR A 18 7.97 -3.51 0.38
C TYR A 18 8.16 -2.88 -0.99
N ASN A 19 7.65 -3.55 -2.02
CA ASN A 19 7.78 -3.05 -3.39
C ASN A 19 6.41 -2.62 -3.93
N VAL A 20 5.36 -2.98 -3.21
CA VAL A 20 4.00 -2.63 -3.63
C VAL A 20 3.35 -1.68 -2.62
N CYS A 21 2.16 -1.19 -2.97
CA CYS A 21 1.43 -0.28 -2.10
C CYS A 21 -0.06 -0.35 -2.36
N VAL A 22 -0.86 -0.22 -1.30
CA VAL A 22 -2.31 -0.28 -1.42
C VAL A 22 -2.97 0.83 -0.60
N HIS A 23 -3.99 1.45 -1.17
CA HIS A 23 -4.71 2.53 -0.50
C HIS A 23 -6.19 2.19 -0.35
N TYR A 24 -6.62 1.96 0.88
CA TYR A 24 -8.02 1.62 1.14
C TYR A 24 -8.77 2.82 1.70
N LYS A 25 -9.75 3.30 0.95
CA LYS A 25 -10.55 4.45 1.37
C LYS A 25 -12.04 4.12 1.29
N SER A 26 -12.69 4.11 2.45
CA SER A 26 -14.12 3.82 2.53
C SER A 26 -14.85 4.84 3.39
N GLU A 27 -16.16 4.93 3.22
CA GLU A 27 -16.97 5.87 3.98
C GLU A 27 -17.17 5.38 5.42
N ASP A 28 -16.87 4.11 5.64
CA ASP A 28 -17.00 3.51 6.97
C ASP A 28 -15.65 3.39 7.66
N GLU A 29 -14.59 3.32 6.86
CA GLU A 29 -13.23 3.18 7.38
C GLU A 29 -12.20 3.61 6.34
N GLU A 30 -10.98 3.81 6.79
CA GLU A 30 -9.89 4.23 5.90
C GLU A 30 -8.53 3.83 6.47
N TYR A 31 -7.76 3.08 5.70
CA TYR A 31 -6.44 2.64 6.13
C TYR A 31 -5.56 2.32 4.93
N LYS A 32 -4.25 2.26 5.17
CA LYS A 32 -3.29 1.95 4.12
C LYS A 32 -2.21 1.00 4.61
N SER A 33 -1.93 -0.02 3.82
CA SER A 33 -0.91 -1.01 4.18
C SER A 33 -0.57 -1.90 2.99
N CYS A 34 0.68 -2.35 2.93
CA CYS A 34 1.14 -3.20 1.85
C CYS A 34 2.61 -3.56 2.02
N GLY A 35 3.21 -4.15 0.98
CA GLY A 35 4.61 -4.53 1.05
C GLY A 35 5.00 -5.46 -0.08
N ILE A 36 4.67 -6.73 0.06
CA ILE A 36 5.00 -7.73 -0.96
C ILE A 36 3.77 -8.09 -1.79
N GLN A 37 3.92 -8.06 -3.10
CA GLN A 37 2.82 -8.38 -4.02
C GLN A 37 2.16 -9.70 -3.62
N GLU A 38 2.96 -10.61 -3.08
CA GLU A 38 2.45 -11.91 -2.66
C GLU A 38 1.34 -11.76 -1.62
N GLU A 39 1.53 -10.80 -0.70
CA GLU A 39 0.56 -10.55 0.35
C GLU A 39 -0.52 -9.59 -0.13
N CYS A 40 -0.11 -8.55 -0.84
CA CYS A 40 -1.04 -7.56 -1.36
C CYS A 40 -2.02 -8.19 -2.35
N GLU A 41 -1.59 -9.29 -2.95
CA GLU A 41 -2.43 -9.99 -3.93
C GLU A 41 -3.49 -10.83 -3.24
N ASP A 42 -3.46 -10.83 -1.91
CA ASP A 42 -4.42 -11.59 -1.12
C ASP A 42 -5.85 -11.26 -1.54
N ALA A 43 -6.12 -9.98 -1.74
CA ALA A 43 -7.45 -9.52 -2.15
C ALA A 43 -7.93 -10.29 -3.39
N GLU A 44 -9.07 -10.94 -3.25
CA GLU A 44 -9.63 -11.71 -4.36
C GLU A 44 -10.52 -10.83 -5.24
N GLY A 45 -10.27 -10.85 -6.55
CA GLY A 45 -11.04 -10.05 -7.47
C GLY A 45 -10.44 -8.68 -7.70
N ALA A 46 -9.96 -8.05 -6.63
CA ALA A 46 -9.35 -6.73 -6.73
C ALA A 46 -7.95 -6.81 -7.32
N THR A 47 -7.46 -5.68 -7.82
CA THR A 47 -6.13 -5.62 -8.42
C THR A 47 -5.22 -4.69 -7.63
N VAL A 48 -3.95 -5.09 -7.50
CA VAL A 48 -2.97 -4.30 -6.78
C VAL A 48 -2.05 -3.55 -7.73
N LEU A 49 -2.08 -2.23 -7.67
CA LEU A 49 -1.25 -1.39 -8.53
C LEU A 49 -0.46 -0.38 -7.71
N CYS A 50 0.84 -0.28 -7.99
CA CYS A 50 1.70 0.65 -7.28
C CYS A 50 2.42 1.57 -8.26
N CYS A 51 2.70 2.80 -7.82
CA CYS A 51 3.39 3.78 -8.65
C CYS A 51 4.87 3.85 -8.29
N PRO A 52 5.71 4.19 -9.29
CA PRO A 52 7.15 4.30 -9.10
C PRO A 52 7.53 5.51 -8.24
N GLU A 53 6.54 6.36 -7.95
CA GLU A 53 6.78 7.54 -7.14
C GLU A 53 6.67 7.22 -5.65
N ASP A 54 6.83 8.24 -4.82
CA ASP A 54 6.74 8.07 -3.37
C ASP A 54 5.39 8.54 -2.85
N LEU A 55 4.80 7.76 -1.94
CA LEU A 55 3.51 8.09 -1.36
C LEU A 55 2.44 8.18 -2.45
N CYS A 56 2.20 7.09 -3.15
CA CYS A 56 1.21 7.04 -4.21
C CYS A 56 -0.08 6.39 -3.71
N ASN A 57 0.02 5.64 -2.63
CA ASN A 57 -1.14 4.97 -2.05
C ASN A 57 -1.68 5.74 -0.85
N LEU A 1 11.75 4.00 -1.51
CA LEU A 1 10.31 4.16 -1.74
C LEU A 1 9.59 4.47 -0.44
N GLN A 2 8.51 5.25 -0.54
CA GLN A 2 7.73 5.63 0.64
C GLN A 2 6.26 5.27 0.44
N CYS A 3 5.58 4.97 1.54
CA CYS A 3 4.18 4.61 1.50
C CYS A 3 3.39 5.34 2.57
N ASN A 4 2.09 5.53 2.33
CA ASN A 4 1.23 6.22 3.28
C ASN A 4 0.86 5.32 4.45
N THR A 5 0.28 5.90 5.48
CA THR A 5 -0.12 5.14 6.66
C THR A 5 -1.59 5.39 7.00
N LEU A 6 -2.18 4.46 7.76
CA LEU A 6 -3.58 4.58 8.14
C LEU A 6 -3.79 5.76 9.09
N ASP A 7 -2.71 6.19 9.74
CA ASP A 7 -2.78 7.30 10.68
C ASP A 7 -2.63 8.63 9.93
N GLY A 8 -2.58 8.56 8.61
CA GLY A 8 -2.44 9.76 7.81
C GLY A 8 -0.99 10.18 7.64
N GLY A 9 -0.09 9.52 8.36
CA GLY A 9 1.31 9.84 8.27
C GLY A 9 2.01 9.10 7.14
N THR A 10 3.31 9.35 6.97
CA THR A 10 4.08 8.71 5.92
C THR A 10 5.09 7.72 6.52
N GLU A 11 5.31 6.62 5.80
CA GLU A 11 6.26 5.60 6.26
C GLU A 11 7.23 5.23 5.15
N GLU A 12 8.45 4.88 5.54
CA GLU A 12 9.48 4.50 4.57
C GLU A 12 9.41 3.00 4.26
N CYS A 13 9.19 2.67 2.99
CA CYS A 13 9.11 1.28 2.57
C CYS A 13 10.45 0.78 2.07
N ILE A 14 10.84 -0.41 2.51
CA ILE A 14 12.11 -1.01 2.11
C ILE A 14 12.09 -1.40 0.64
N PRO A 15 13.03 -0.85 -0.13
CA PRO A 15 13.15 -1.12 -1.57
C PRO A 15 13.62 -2.55 -1.85
N GLY A 16 14.01 -3.26 -0.79
CA GLY A 16 14.47 -4.62 -0.94
C GLY A 16 13.43 -5.64 -0.51
N ILE A 17 12.37 -5.17 0.15
CA ILE A 17 11.30 -6.04 0.62
C ILE A 17 9.96 -5.61 0.05
N TYR A 18 9.50 -4.43 0.46
CA TYR A 18 8.22 -3.90 0.00
C TYR A 18 8.36 -3.28 -1.39
N ASN A 19 7.66 -3.86 -2.36
CA ASN A 19 7.70 -3.35 -3.73
C ASN A 19 6.31 -2.92 -4.19
N VAL A 20 5.29 -3.29 -3.42
CA VAL A 20 3.92 -2.93 -3.76
C VAL A 20 3.33 -2.01 -2.70
N CYS A 21 2.12 -1.50 -2.98
CA CYS A 21 1.44 -0.62 -2.05
C CYS A 21 -0.07 -0.64 -2.28
N VAL A 22 -0.83 -0.51 -1.20
CA VAL A 22 -2.29 -0.52 -1.30
C VAL A 22 -2.90 0.58 -0.43
N HIS A 23 -3.92 1.25 -0.97
CA HIS A 23 -4.58 2.32 -0.24
C HIS A 23 -6.08 2.05 -0.12
N TYR A 24 -6.53 1.80 1.11
CA TYR A 24 -7.94 1.51 1.36
C TYR A 24 -8.64 2.73 1.95
N LYS A 25 -9.60 3.26 1.20
CA LYS A 25 -10.36 4.44 1.64
C LYS A 25 -11.86 4.18 1.56
N SER A 26 -12.51 4.17 2.72
CA SER A 26 -13.95 3.94 2.77
C SER A 26 -14.63 4.94 3.69
N GLU A 27 -15.95 5.10 3.53
CA GLU A 27 -16.72 6.03 4.34
C GLU A 27 -16.93 5.48 5.75
N ASP A 28 -16.67 4.19 5.91
CA ASP A 28 -16.83 3.54 7.21
C ASP A 28 -15.48 3.33 7.88
N GLU A 29 -14.43 3.25 7.07
CA GLU A 29 -13.09 3.04 7.60
C GLU A 29 -12.03 3.46 6.57
N GLU A 30 -10.80 3.60 7.02
CA GLU A 30 -9.70 4.01 6.15
C GLU A 30 -8.36 3.55 6.72
N TYR A 31 -7.61 2.79 5.92
CA TYR A 31 -6.31 2.30 6.34
C TYR A 31 -5.43 1.99 5.13
N LYS A 32 -4.12 1.87 5.37
CA LYS A 32 -3.17 1.57 4.30
C LYS A 32 -2.13 0.56 4.77
N SER A 33 -1.88 -0.45 3.95
CA SER A 33 -0.89 -1.48 4.28
C SER A 33 -0.58 -2.33 3.05
N CYS A 34 0.67 -2.80 2.98
CA CYS A 34 1.12 -3.62 1.86
C CYS A 34 2.58 -4.00 2.02
N GLY A 35 3.16 -4.56 0.96
CA GLY A 35 4.55 -4.96 1.00
C GLY A 35 4.96 -5.75 -0.23
N ILE A 36 4.58 -7.02 -0.28
CA ILE A 36 4.93 -7.88 -1.41
C ILE A 36 3.69 -8.20 -2.25
N GLN A 37 3.85 -8.21 -3.57
CA GLN A 37 2.75 -8.49 -4.47
C GLN A 37 2.06 -9.80 -4.09
N GLU A 38 2.80 -10.69 -3.44
CA GLU A 38 2.27 -11.98 -3.02
C GLU A 38 1.22 -11.79 -1.92
N GLU A 39 1.49 -10.85 -1.01
CA GLU A 39 0.58 -10.59 0.10
C GLU A 39 -0.49 -9.57 -0.32
N CYS A 40 -0.14 -8.69 -1.24
CA CYS A 40 -1.07 -7.67 -1.72
C CYS A 40 -2.09 -8.28 -2.69
N GLU A 41 -1.62 -9.19 -3.54
CA GLU A 41 -2.49 -9.84 -4.51
C GLU A 41 -3.34 -10.91 -3.84
N ASP A 42 -3.09 -11.14 -2.55
CA ASP A 42 -3.83 -12.14 -1.80
C ASP A 42 -5.34 -11.93 -1.95
N ALA A 43 -5.74 -10.68 -2.15
CA ALA A 43 -7.15 -10.34 -2.31
C ALA A 43 -7.72 -10.98 -3.57
N GLU A 44 -8.91 -11.57 -3.45
CA GLU A 44 -9.56 -12.21 -4.58
C GLU A 44 -10.51 -11.24 -5.29
N GLY A 45 -10.35 -11.12 -6.60
CA GLY A 45 -11.18 -10.23 -7.38
C GLY A 45 -10.62 -8.83 -7.47
N ALA A 46 -10.15 -8.29 -6.34
CA ALA A 46 -9.57 -6.96 -6.30
C ALA A 46 -8.21 -6.93 -6.97
N THR A 47 -7.77 -5.75 -7.39
CA THR A 47 -6.49 -5.58 -8.05
C THR A 47 -5.61 -4.59 -7.30
N VAL A 48 -4.32 -4.89 -7.22
CA VAL A 48 -3.37 -4.03 -6.52
C VAL A 48 -2.42 -3.35 -7.51
N LEU A 49 -2.36 -2.02 -7.45
CA LEU A 49 -1.50 -1.26 -8.34
C LEU A 49 -0.62 -0.29 -7.55
N CYS A 50 0.68 -0.28 -7.86
CA CYS A 50 1.62 0.60 -7.18
C CYS A 50 2.36 1.47 -8.18
N CYS A 51 2.72 2.68 -7.75
CA CYS A 51 3.44 3.62 -8.60
C CYS A 51 4.92 3.62 -8.28
N PRO A 52 5.75 3.92 -9.29
CA PRO A 52 7.21 3.96 -9.14
C PRO A 52 7.67 5.14 -8.28
N GLU A 53 6.73 6.03 -7.96
CA GLU A 53 7.04 7.20 -7.14
C GLU A 53 6.84 6.91 -5.67
N ASP A 54 7.05 7.92 -4.83
CA ASP A 54 6.88 7.77 -3.39
C ASP A 54 5.50 8.24 -2.95
N LEU A 55 4.94 7.56 -1.96
CA LEU A 55 3.62 7.91 -1.44
C LEU A 55 2.56 7.82 -2.54
N CYS A 56 2.36 6.60 -3.06
CA CYS A 56 1.38 6.39 -4.11
C CYS A 56 0.09 5.81 -3.54
N ASN A 57 0.18 5.22 -2.35
CA ASN A 57 -0.98 4.65 -1.69
C ASN A 57 -1.39 5.45 -0.47
N LEU A 1 11.77 4.89 -1.66
CA LEU A 1 10.33 4.70 -1.74
C LEU A 1 9.66 4.93 -0.39
N GLN A 2 8.51 5.59 -0.40
CA GLN A 2 7.78 5.88 0.82
C GLN A 2 6.34 5.37 0.72
N CYS A 3 5.77 5.01 1.87
CA CYS A 3 4.41 4.51 1.92
C CYS A 3 3.60 5.20 3.02
N ASN A 4 2.33 5.43 2.75
CA ASN A 4 1.46 6.10 3.71
C ASN A 4 0.98 5.12 4.78
N THR A 5 0.42 5.64 5.87
CA THR A 5 -0.06 4.82 6.95
C THR A 5 -1.50 5.19 7.32
N LEU A 6 -2.22 4.25 7.93
CA LEU A 6 -3.60 4.48 8.33
C LEU A 6 -3.68 5.55 9.41
N ASP A 7 -2.55 5.80 10.08
CA ASP A 7 -2.50 6.81 11.14
C ASP A 7 -2.46 8.21 10.55
N GLY A 8 -2.39 8.29 9.23
CA GLY A 8 -2.34 9.58 8.56
C GLY A 8 -0.93 10.06 8.31
N GLY A 9 0.05 9.34 8.86
CA GLY A 9 1.43 9.71 8.69
C GLY A 9 2.09 8.98 7.54
N THR A 10 3.37 9.30 7.30
CA THR A 10 4.11 8.67 6.22
C THR A 10 5.29 7.86 6.75
N GLU A 11 5.62 6.78 6.04
CA GLU A 11 6.73 5.91 6.46
C GLU A 11 7.67 5.65 5.29
N GLU A 12 8.96 5.50 5.60
CA GLU A 12 9.96 5.25 4.57
C GLU A 12 10.09 3.75 4.30
N CYS A 13 9.75 3.34 3.08
CA CYS A 13 9.82 1.94 2.70
C CYS A 13 11.20 1.60 2.12
N ILE A 14 11.87 0.62 2.71
CA ILE A 14 13.18 0.21 2.26
C ILE A 14 13.11 -0.46 0.89
N PRO A 15 14.14 -0.23 0.07
CA PRO A 15 14.22 -0.79 -1.28
C PRO A 15 14.44 -2.30 -1.27
N GLY A 16 14.72 -2.85 -0.08
CA GLY A 16 14.94 -4.27 0.04
C GLY A 16 13.65 -5.06 0.18
N ILE A 17 12.75 -4.56 1.02
CA ILE A 17 11.47 -5.23 1.23
C ILE A 17 10.31 -4.34 0.81
N TYR A 18 9.16 -4.94 0.55
CA TYR A 18 7.97 -4.20 0.14
C TYR A 18 8.19 -3.55 -1.23
N ASN A 19 7.51 -4.08 -2.24
CA ASN A 19 7.63 -3.54 -3.59
C ASN A 19 6.27 -3.06 -4.10
N VAL A 20 5.22 -3.43 -3.40
CA VAL A 20 3.86 -3.02 -3.77
C VAL A 20 3.24 -2.11 -2.73
N CYS A 21 2.07 -1.56 -3.04
CA CYS A 21 1.38 -0.67 -2.13
C CYS A 21 -0.13 -0.69 -2.38
N VAL A 22 -0.90 -0.57 -1.31
CA VAL A 22 -2.37 -0.57 -1.42
C VAL A 22 -2.98 0.54 -0.57
N HIS A 23 -3.99 1.20 -1.13
CA HIS A 23 -4.67 2.28 -0.42
C HIS A 23 -6.15 1.97 -0.25
N TYR A 24 -6.57 1.75 0.99
CA TYR A 24 -7.96 1.44 1.28
C TYR A 24 -8.69 2.66 1.84
N LYS A 25 -9.68 3.15 1.09
CA LYS A 25 -10.45 4.32 1.52
C LYS A 25 -11.94 4.03 1.46
N SER A 26 -12.60 4.04 2.62
CA SER A 26 -14.02 3.78 2.70
C SER A 26 -14.71 4.80 3.58
N GLU A 27 -16.03 4.93 3.42
CA GLU A 27 -16.81 5.88 4.20
C GLU A 27 -17.01 5.37 5.63
N ASP A 28 -16.73 4.09 5.84
CA ASP A 28 -16.88 3.48 7.17
C ASP A 28 -15.51 3.32 7.84
N GLU A 29 -14.47 3.23 7.02
CA GLU A 29 -13.11 3.07 7.55
C GLU A 29 -12.08 3.48 6.50
N GLU A 30 -10.84 3.66 6.94
CA GLU A 30 -9.75 4.05 6.04
C GLU A 30 -8.40 3.64 6.62
N TYR A 31 -7.64 2.88 5.84
CA TYR A 31 -6.33 2.42 6.27
C TYR A 31 -5.44 2.10 5.06
N LYS A 32 -4.14 2.01 5.30
CA LYS A 32 -3.19 1.70 4.24
C LYS A 32 -2.18 0.67 4.71
N SER A 33 -1.94 -0.34 3.87
CA SER A 33 -0.99 -1.41 4.19
C SER A 33 -0.70 -2.27 2.97
N CYS A 34 0.52 -2.81 2.91
CA CYS A 34 0.93 -3.64 1.80
C CYS A 34 2.36 -4.11 1.96
N GLY A 35 2.92 -4.71 0.91
CA GLY A 35 4.29 -5.19 0.97
C GLY A 35 4.69 -5.94 -0.29
N ILE A 36 4.28 -7.20 -0.38
CA ILE A 36 4.60 -8.02 -1.55
C ILE A 36 3.35 -8.30 -2.38
N GLN A 37 3.53 -8.34 -3.70
CA GLN A 37 2.43 -8.59 -4.61
C GLN A 37 1.66 -9.84 -4.20
N GLU A 38 2.37 -10.79 -3.59
CA GLU A 38 1.75 -12.03 -3.14
C GLU A 38 0.78 -11.79 -1.99
N GLU A 39 1.16 -10.87 -1.11
CA GLU A 39 0.31 -10.53 0.04
C GLU A 39 -0.72 -9.48 -0.33
N CYS A 40 -0.40 -8.68 -1.34
CA CYS A 40 -1.31 -7.62 -1.79
C CYS A 40 -2.37 -8.19 -2.74
N GLU A 41 -2.01 -9.24 -3.47
CA GLU A 41 -2.92 -9.87 -4.41
C GLU A 41 -3.86 -10.84 -3.68
N ASP A 42 -3.68 -10.96 -2.38
CA ASP A 42 -4.51 -11.85 -1.56
C ASP A 42 -5.98 -11.53 -1.74
N ALA A 43 -6.27 -10.27 -2.08
CA ALA A 43 -7.65 -9.83 -2.28
C ALA A 43 -8.20 -10.34 -3.61
N GLU A 44 -9.16 -11.26 -3.53
CA GLU A 44 -9.76 -11.82 -4.74
C GLU A 44 -10.88 -10.92 -5.26
N GLY A 45 -10.80 -10.58 -6.54
CA GLY A 45 -11.82 -9.73 -7.13
C GLY A 45 -11.31 -8.33 -7.40
N ALA A 46 -10.54 -7.78 -6.45
CA ALA A 46 -9.99 -6.44 -6.58
C ALA A 46 -8.62 -6.47 -7.24
N THR A 47 -8.20 -5.33 -7.78
CA THR A 47 -6.91 -5.23 -8.44
C THR A 47 -5.95 -4.34 -7.65
N VAL A 48 -4.74 -4.83 -7.42
CA VAL A 48 -3.73 -4.08 -6.68
C VAL A 48 -2.69 -3.48 -7.62
N LEU A 49 -2.59 -2.15 -7.62
CA LEU A 49 -1.64 -1.46 -8.48
C LEU A 49 -0.79 -0.48 -7.66
N CYS A 50 0.51 -0.48 -7.91
CA CYS A 50 1.42 0.41 -7.21
C CYS A 50 2.23 1.25 -8.19
N CYS A 51 2.57 2.46 -7.77
CA CYS A 51 3.35 3.36 -8.62
C CYS A 51 4.83 3.35 -8.22
N PRO A 52 5.70 3.62 -9.21
CA PRO A 52 7.15 3.64 -8.98
C PRO A 52 7.59 4.83 -8.14
N GLU A 53 6.65 5.75 -7.89
CA GLU A 53 6.94 6.94 -7.09
C GLU A 53 6.76 6.65 -5.60
N ASP A 54 6.97 7.67 -4.77
CA ASP A 54 6.82 7.54 -3.34
C ASP A 54 5.47 8.07 -2.87
N LEU A 55 4.87 7.38 -1.90
CA LEU A 55 3.57 7.79 -1.36
C LEU A 55 2.52 7.79 -2.45
N CYS A 56 2.30 6.64 -3.07
CA CYS A 56 1.31 6.51 -4.14
C CYS A 56 0.02 5.90 -3.62
N ASN A 57 0.12 5.22 -2.48
CA ASN A 57 -1.05 4.59 -1.86
C ASN A 57 -1.59 5.44 -0.72
#